data_9FYC
#
_entry.id   9FYC
#
_cell.length_a   1.00
_cell.length_b   1.00
_cell.length_c   1.00
_cell.angle_alpha   90.00
_cell.angle_beta   90.00
_cell.angle_gamma   90.00
#
_symmetry.space_group_name_H-M   'P 1'
#
loop_
_entity.id
_entity.type
_entity.pdbx_description
1 polymer 'CC-NBS-LRR resistance protein MLA13'
2 polymer 'CSEP0372 putative effector protein'
#
loop_
_entity_poly.entity_id
_entity_poly.type
_entity_poly.pdbx_seq_one_letter_code
_entity_poly.pdbx_strand_id
1 'polypeptide(L)'
;MDIVTGAISNLIPKLGELLTEEFKLHKGVKKNIEDLGKELESMNAALIKIGEVPREQLDSQDKLWADEVRELSYVIEDVV
DKFLVQVDGIKSDDNNNEFEGLMKRTTELLKKVKHKHGIAHAIKDIQEQLQKVADRRDRNKVFVPHPTRTIAIDPCLRAL
YAEATELVGIYGKRDQGLMRLLSMEGDDASNKRLKKVSIVGFGGLGKTTLARAVYEKIKGDFDCRAFVPVGQNPDMKKVL
RDILIDLGNPHSDLAMLDANQLIKKLHEFLENKRYLVIIDDIWDEKLWEGINFAFSNRNNLGSRLITTTRIVSVSNSCCS
SDGDSVYQMEPLSVDDSRMLFYKRIFPDENACINEFEQVSRDILKKCGGVPLAIITIASALAGDQKMKPKCEWDILLRSL
GSGLTEDNSLEEMRRILSFSYSNLPSNLKTCLLYLCVYPEDSMISRDKLIWKWVAEGFVHHENQGNSLYLLGLNYFNQLI
NRSMIQPIYNYSGEAYACRVHDMVLDLICNLSNEAKFVNLLDGTGNSMSSQSNCRRLSLQKRNEDHQARPFTDIKSMSRV
RSITIFPSAIEVMPSLSRFDVLRVLDLSRCNLGENSSMQLNLKGVGHLTHLRYLGLEGTNISKLPAEIGKLQFLEVLDLE
NNHNLKELPSTVCNFRRLIYLNLVGCQVVPPVGVLQNLTSIEVLSGILVSLNIIAQELGNLKRLRELNILFNDGSLDLYE
GFVKSLCNLHHIESLIIGCNSRETSSFELMDLLGERWVPPVHFREFVSSMPSQLSALRGWIKRDPSHLSNLSELILTSVK
EVQQDDVVIIGALSSLRRLCIKSTYQTQRLLVIPADGFRCIVGFHLDCGSATQILFEPGALPRAESVVISLGVRVAKEDG
NRGFDLGLQGNLLSLRRDVFVSIYCGGARVGEAKEAEAAVRRALDAHPSHPPIYFEMRPHIAKGAHDDDLCEERRRTDF
;
A
2 'polypeptide(L)'
;MKTFQFASIVAGLSFLKTTIAAGDGYITLGMGSIHKNDIYRVAEHMWTIDAYSVPSNNHGSYPIFGEEINGSVTRIFPIV
YNGDDWRSGDFYYSVESTEDLSYIKLRYNGARYETCMVSSPE
;
B
#
# COMPACT_ATOMS: atom_id res chain seq x y z
N ASP A 2 -0.17 -23.18 12.27
CA ASP A 2 -1.47 -22.53 12.38
C ASP A 2 -1.56 -21.65 13.62
N ILE A 3 -2.79 -21.25 13.96
CA ILE A 3 -2.99 -20.28 15.04
C ILE A 3 -2.56 -20.85 16.38
N VAL A 4 -2.90 -22.11 16.66
CA VAL A 4 -2.64 -22.67 17.98
C VAL A 4 -1.14 -22.74 18.25
N THR A 5 -0.34 -23.16 17.28
CA THR A 5 1.10 -23.23 17.48
C THR A 5 1.76 -21.86 17.37
N GLY A 6 1.21 -20.96 16.55
CA GLY A 6 1.81 -19.65 16.40
C GLY A 6 1.70 -18.80 17.65
N ALA A 7 0.54 -18.84 18.31
CA ALA A 7 0.33 -18.02 19.50
C ALA A 7 1.21 -18.46 20.67
N ILE A 8 1.61 -19.73 20.69
CA ILE A 8 2.41 -20.23 21.80
C ILE A 8 3.90 -20.23 21.48
N SER A 9 4.27 -20.32 20.21
CA SER A 9 5.67 -20.39 19.82
C SER A 9 6.46 -19.14 20.21
N ASN A 10 5.78 -18.01 20.42
CA ASN A 10 6.46 -16.77 20.76
C ASN A 10 6.61 -16.56 22.25
N LEU A 11 5.82 -17.25 23.08
CA LEU A 11 5.91 -17.06 24.51
C LEU A 11 7.16 -17.71 25.10
N ILE A 12 7.63 -18.80 24.49
CA ILE A 12 8.84 -19.46 25.00
C ILE A 12 10.05 -18.52 24.96
N PRO A 13 10.37 -17.86 23.85
CA PRO A 13 11.42 -16.83 23.92
C PRO A 13 11.10 -15.69 24.85
N LYS A 14 9.82 -15.33 24.97
CA LYS A 14 9.43 -14.20 25.80
C LYS A 14 9.70 -14.46 27.27
N LEU A 15 9.22 -15.60 27.78
CA LEU A 15 9.46 -15.93 29.18
C LEU A 15 10.91 -16.30 29.44
N GLY A 16 11.60 -16.81 28.43
CA GLY A 16 13.04 -17.00 28.56
C GLY A 16 13.77 -15.69 28.77
N GLU A 17 13.35 -14.65 28.04
CA GLU A 17 13.92 -13.31 28.25
C GLU A 17 13.54 -12.77 29.62
N LEU A 18 12.32 -13.06 30.07
CA LEU A 18 11.90 -12.60 31.40
C LEU A 18 12.78 -13.22 32.49
N LEU A 19 13.12 -14.50 32.34
CA LEU A 19 14.06 -15.13 33.28
C LEU A 19 15.40 -14.43 33.26
N THR A 20 15.89 -14.08 32.07
CA THR A 20 17.18 -13.41 31.95
C THR A 20 17.13 -12.00 32.53
N GLU A 21 16.00 -11.31 32.36
CA GLU A 21 15.89 -9.90 32.75
C GLU A 21 15.31 -9.69 34.13
N GLU A 22 14.24 -10.40 34.49
CA GLU A 22 13.49 -10.13 35.71
C GLU A 22 13.54 -11.26 36.73
N PHE A 23 13.25 -12.49 36.32
CA PHE A 23 13.05 -13.58 37.27
C PHE A 23 14.34 -14.09 37.90
N LYS A 24 15.50 -13.66 37.42
CA LYS A 24 16.75 -14.06 38.05
C LYS A 24 16.93 -13.45 39.43
N LEU A 25 16.14 -12.42 39.76
CA LEU A 25 16.30 -11.74 41.04
C LEU A 25 15.72 -12.54 42.19
N HIS A 26 14.62 -13.26 41.95
CA HIS A 26 13.89 -13.96 43.00
C HIS A 26 14.20 -15.45 42.90
N LYS A 27 14.98 -15.96 43.85
CA LYS A 27 15.38 -17.37 43.81
C LYS A 27 14.18 -18.29 43.92
N GLY A 28 13.26 -17.98 44.83
CA GLY A 28 12.07 -18.81 44.96
C GLY A 28 11.19 -18.79 43.73
N VAL A 29 10.98 -17.61 43.15
CA VAL A 29 10.18 -17.51 41.94
C VAL A 29 10.91 -18.16 40.76
N LYS A 30 12.23 -17.97 40.69
CA LYS A 30 12.99 -18.54 39.59
C LYS A 30 12.87 -20.06 39.57
N LYS A 31 12.90 -20.70 40.73
CA LYS A 31 12.68 -22.13 40.80
C LYS A 31 11.29 -22.50 40.31
N ASN A 32 10.28 -21.70 40.70
CA ASN A 32 8.93 -21.94 40.19
C ASN A 32 8.86 -21.72 38.68
N ILE A 33 9.48 -20.65 38.19
CA ILE A 33 9.51 -20.40 36.74
C ILE A 33 10.41 -21.41 36.04
N GLU A 34 11.38 -21.98 36.74
CA GLU A 34 12.17 -23.07 36.15
C GLU A 34 11.27 -24.25 35.79
N ASP A 35 10.32 -24.58 36.67
CA ASP A 35 9.29 -25.55 36.32
C ASP A 35 8.41 -25.02 35.19
N LEU A 36 8.09 -23.73 35.21
CA LEU A 36 7.31 -23.13 34.13
C LEU A 36 8.05 -23.23 32.80
N GLY A 37 9.36 -22.96 32.82
CA GLY A 37 10.12 -23.00 31.59
C GLY A 37 10.20 -24.39 30.97
N LYS A 38 10.48 -25.41 31.78
CA LYS A 38 10.62 -26.76 31.25
C LYS A 38 9.29 -27.29 30.72
N GLU A 39 8.20 -27.04 31.42
CA GLU A 39 6.89 -27.50 30.94
C GLU A 39 6.51 -26.80 29.64
N LEU A 40 6.75 -25.49 29.55
CA LEU A 40 6.43 -24.76 28.33
C LEU A 40 7.26 -25.25 27.16
N GLU A 41 8.55 -25.51 27.38
CA GLU A 41 9.40 -26.04 26.32
C GLU A 41 8.90 -27.40 25.86
N SER A 42 8.48 -28.24 26.81
CA SER A 42 7.93 -29.54 26.45
C SER A 42 6.56 -29.41 25.80
N MET A 43 5.70 -28.56 26.35
CA MET A 43 4.30 -28.52 25.90
C MET A 43 4.17 -27.93 24.50
N ASN A 44 4.79 -26.77 24.25
CA ASN A 44 4.68 -26.17 22.94
C ASN A 44 5.32 -27.05 21.87
N ALA A 45 6.47 -27.65 22.18
CA ALA A 45 7.09 -28.58 21.24
C ALA A 45 6.20 -29.79 21.01
N ALA A 46 5.51 -30.25 22.05
CA ALA A 46 4.57 -31.35 21.89
C ALA A 46 3.44 -30.96 20.96
N LEU A 47 2.93 -29.74 21.09
CA LEU A 47 1.87 -29.26 20.19
C LEU A 47 2.36 -29.22 18.75
N ILE A 48 3.64 -28.89 18.54
CA ILE A 48 4.20 -28.93 17.19
C ILE A 48 4.18 -30.35 16.65
N LYS A 49 4.59 -31.32 17.49
CA LYS A 49 4.52 -32.72 17.09
C LYS A 49 3.08 -33.16 16.88
N ILE A 50 2.19 -32.75 17.77
CA ILE A 50 0.76 -33.02 17.57
C ILE A 50 0.21 -32.17 16.42
N GLY A 51 0.93 -31.12 16.03
CA GLY A 51 0.48 -30.26 14.95
C GLY A 51 0.28 -30.98 13.63
N GLU A 52 0.93 -32.13 13.45
CA GLU A 52 0.64 -32.96 12.28
C GLU A 52 -0.80 -33.44 12.29
N VAL A 53 -1.34 -33.71 13.47
CA VAL A 53 -2.76 -34.05 13.65
C VAL A 53 -3.56 -32.75 13.62
N PRO A 54 -4.66 -32.70 12.86
CA PRO A 54 -5.45 -31.46 12.81
C PRO A 54 -6.05 -31.12 14.16
N ARG A 55 -6.41 -29.84 14.31
CA ARG A 55 -6.93 -29.36 15.59
C ARG A 55 -8.23 -30.05 15.97
N GLU A 56 -9.17 -30.17 15.02
CA GLU A 56 -10.51 -30.64 15.35
C GLU A 56 -10.49 -32.07 15.85
N GLN A 57 -9.50 -32.87 15.44
CA GLN A 57 -9.39 -34.22 15.97
C GLN A 57 -9.02 -34.23 17.44
N LEU A 58 -8.46 -33.13 17.95
CA LEU A 58 -8.10 -33.02 19.36
C LEU A 58 -9.30 -32.53 20.15
N ASP A 59 -10.28 -33.42 20.31
CA ASP A 59 -11.51 -33.08 21.02
C ASP A 59 -11.19 -32.66 22.46
N SER A 60 -10.25 -33.34 23.10
CA SER A 60 -9.82 -32.94 24.44
C SER A 60 -9.09 -31.61 24.40
N GLN A 61 -8.28 -31.37 23.35
CA GLN A 61 -7.44 -30.18 23.32
C GLN A 61 -8.13 -29.01 22.62
N ASP A 62 -8.66 -29.24 21.41
CA ASP A 62 -9.21 -28.14 20.63
C ASP A 62 -10.38 -27.49 21.35
N LYS A 63 -11.27 -28.29 21.93
CA LYS A 63 -12.33 -27.74 22.78
C LYS A 63 -11.75 -27.05 24.01
N LEU A 64 -10.53 -27.42 24.41
CA LEU A 64 -9.94 -26.80 25.59
C LEU A 64 -9.30 -25.46 25.25
N TRP A 65 -8.80 -25.28 24.02
CA TRP A 65 -8.60 -23.93 23.53
C TRP A 65 -9.91 -23.15 23.52
N ALA A 66 -10.98 -23.78 23.05
CA ALA A 66 -12.28 -23.13 23.02
C ALA A 66 -12.79 -22.80 24.41
N ASP A 67 -12.27 -23.44 25.45
CA ASP A 67 -12.67 -23.18 26.82
C ASP A 67 -11.57 -22.58 27.66
N GLU A 68 -10.41 -23.23 27.76
CA GLU A 68 -9.37 -22.79 28.67
C GLU A 68 -8.05 -22.44 27.97
N VAL A 69 -7.50 -23.34 27.16
CA VAL A 69 -6.09 -23.24 26.77
C VAL A 69 -5.82 -21.95 25.99
N ARG A 70 -6.67 -21.64 25.02
CA ARG A 70 -6.49 -20.39 24.28
C ARG A 70 -6.64 -19.19 25.22
N GLU A 71 -7.62 -19.25 26.12
CA GLU A 71 -7.70 -18.26 27.18
C GLU A 71 -6.55 -18.42 28.18
N LEU A 72 -6.10 -19.66 28.40
CA LEU A 72 -4.93 -19.87 29.24
C LEU A 72 -3.69 -19.25 28.61
N SER A 73 -3.56 -19.37 27.29
CA SER A 73 -2.49 -18.65 26.60
C SER A 73 -2.68 -17.14 26.68
N TYR A 74 -3.89 -16.70 27.04
CA TYR A 74 -4.13 -15.27 27.20
C TYR A 74 -3.93 -14.83 28.65
N VAL A 75 -4.49 -15.58 29.60
CA VAL A 75 -4.34 -15.21 31.00
C VAL A 75 -2.89 -15.33 31.43
N ILE A 76 -2.16 -16.32 30.91
CA ILE A 76 -0.72 -16.36 31.13
C ILE A 76 -0.06 -15.12 30.54
N GLU A 77 -0.39 -14.81 29.29
CA GLU A 77 0.12 -13.58 28.70
C GLU A 77 -0.41 -12.36 29.43
N ASP A 78 -1.58 -12.48 30.07
CA ASP A 78 -2.10 -11.38 30.88
C ASP A 78 -1.24 -11.16 32.11
N VAL A 79 -0.59 -12.21 32.61
CA VAL A 79 0.29 -12.03 33.76
C VAL A 79 1.75 -11.93 33.32
N VAL A 80 2.09 -12.45 32.14
CA VAL A 80 3.44 -12.28 31.60
C VAL A 80 3.75 -10.80 31.43
N ASP A 81 2.85 -10.06 30.76
CA ASP A 81 2.98 -8.62 30.68
C ASP A 81 2.84 -7.96 32.04
N LYS A 82 2.14 -8.62 32.97
CA LYS A 82 2.05 -8.14 34.35
C LYS A 82 3.33 -8.42 35.13
N PHE A 83 4.12 -9.41 34.70
CA PHE A 83 5.32 -9.79 35.44
C PHE A 83 6.37 -8.68 35.40
N LEU A 84 6.47 -7.97 34.28
CA LEU A 84 7.55 -7.00 34.10
C LEU A 84 7.48 -5.88 35.13
N VAL A 85 6.31 -5.27 35.30
CA VAL A 85 6.18 -4.09 36.15
C VAL A 85 5.18 -4.32 37.26
N GLN A 86 3.94 -4.66 36.90
CA GLN A 86 2.87 -4.73 37.90
C GLN A 86 3.12 -5.83 38.91
N VAL A 87 3.45 -7.05 38.45
CA VAL A 87 3.76 -8.12 39.38
C VAL A 87 5.03 -7.80 40.16
N ASP A 88 5.99 -7.15 39.51
CA ASP A 88 7.18 -6.69 40.22
C ASP A 88 6.81 -5.73 41.36
N GLY A 89 5.65 -5.06 41.24
CA GLY A 89 5.21 -4.18 42.31
C GLY A 89 4.16 -4.84 43.20
N ILE A 90 3.27 -5.63 42.61
CA ILE A 90 2.17 -6.23 43.37
C ILE A 90 2.50 -7.62 43.91
N LYS A 91 3.52 -8.28 43.37
CA LYS A 91 3.96 -9.61 43.84
C LYS A 91 2.82 -10.63 43.73
N SER A 92 2.33 -10.84 42.52
CA SER A 92 1.27 -11.81 42.26
C SER A 92 1.87 -13.19 41.97
N ASP A 93 2.63 -13.69 42.94
CA ASP A 93 3.27 -14.99 42.79
C ASP A 93 2.28 -16.14 42.92
N ASP A 94 1.26 -15.99 43.76
CA ASP A 94 0.30 -17.07 43.99
C ASP A 94 -0.47 -17.39 42.72
N ASN A 95 -0.56 -16.46 41.78
CA ASN A 95 -1.22 -16.74 40.51
C ASN A 95 -0.44 -17.78 39.72
N ASN A 96 0.89 -17.77 39.83
CA ASN A 96 1.71 -18.74 39.12
C ASN A 96 1.42 -20.15 39.60
N ASN A 97 1.23 -20.33 40.91
CA ASN A 97 0.95 -21.66 41.46
C ASN A 97 -0.35 -22.21 40.90
N GLU A 98 -1.39 -21.38 40.79
CA GLU A 98 -2.65 -21.83 40.23
C GLU A 98 -2.51 -22.25 38.78
N PHE A 99 -1.78 -21.46 37.98
CA PHE A 99 -1.63 -21.75 36.56
C PHE A 99 -0.77 -22.96 36.30
N GLU A 100 0.35 -23.12 37.03
CA GLU A 100 1.23 -24.25 36.81
C GLU A 100 0.51 -25.57 37.07
N GLY A 101 -0.48 -25.56 37.98
CA GLY A 101 -1.30 -26.74 38.18
C GLY A 101 -2.10 -27.10 36.95
N LEU A 102 -2.66 -26.10 36.27
CA LEU A 102 -3.37 -26.36 35.02
C LEU A 102 -2.44 -26.93 33.96
N MET A 103 -1.22 -26.38 33.88
CA MET A 103 -0.23 -26.94 32.97
C MET A 103 0.22 -28.33 33.40
N LYS A 104 0.29 -28.57 34.72
CA LYS A 104 0.59 -29.90 35.21
C LYS A 104 -0.49 -30.89 34.77
N ARG A 105 -1.75 -30.49 34.86
CA ARG A 105 -2.82 -31.31 34.30
C ARG A 105 -2.68 -31.44 32.78
N THR A 106 -2.33 -30.34 32.11
CA THR A 106 -2.06 -30.40 30.68
C THR A 106 -0.90 -31.33 30.39
N THR A 107 0.16 -31.27 31.20
CA THR A 107 1.25 -32.23 31.08
C THR A 107 0.73 -33.66 31.30
N GLU A 108 -0.11 -33.84 32.33
CA GLU A 108 -0.75 -35.14 32.52
C GLU A 108 -1.68 -35.46 31.35
N LEU A 109 -2.39 -34.46 30.83
CA LEU A 109 -3.24 -34.68 29.68
C LEU A 109 -2.42 -35.12 28.47
N LEU A 110 -1.28 -34.48 28.22
CA LEU A 110 -0.43 -34.89 27.10
C LEU A 110 0.02 -36.34 27.26
N LYS A 111 0.32 -36.74 28.49
CA LYS A 111 0.63 -38.15 28.74
C LYS A 111 -0.60 -39.03 28.51
N LYS A 112 -1.79 -38.51 28.81
CA LYS A 112 -2.99 -39.32 28.71
C LYS A 112 -3.67 -39.15 27.34
N VAL A 113 -3.87 -37.91 26.90
CA VAL A 113 -4.62 -37.67 25.66
C VAL A 113 -3.93 -38.32 24.47
N LYS A 114 -2.60 -38.15 24.37
CA LYS A 114 -1.87 -38.80 23.29
C LYS A 114 -1.92 -40.31 23.42
N HIS A 115 -1.86 -40.84 24.64
CA HIS A 115 -1.95 -42.28 24.85
C HIS A 115 -3.34 -42.81 24.49
N LYS A 116 -4.39 -42.04 24.78
CA LYS A 116 -5.75 -42.47 24.52
C LYS A 116 -6.15 -42.28 23.05
N HIS A 117 -5.76 -41.16 22.45
CA HIS A 117 -6.13 -40.87 21.07
C HIS A 117 -5.37 -41.71 20.06
N GLY A 118 -4.33 -42.43 20.48
CA GLY A 118 -3.54 -43.24 19.59
C GLY A 118 -2.27 -42.59 19.09
N ILE A 119 -2.01 -41.33 19.46
CA ILE A 119 -0.78 -40.67 19.05
C ILE A 119 0.39 -41.27 19.83
N ALA A 120 1.57 -41.25 19.20
CA ALA A 120 2.77 -41.75 19.86
C ALA A 120 3.02 -40.97 21.15
N HIS A 121 3.40 -41.69 22.21
CA HIS A 121 3.59 -41.08 23.52
C HIS A 121 4.87 -40.25 23.53
N ALA A 122 4.81 -39.04 22.97
CA ALA A 122 5.97 -38.16 22.89
C ALA A 122 5.97 -37.23 24.10
N ILE A 123 6.14 -37.84 25.28
CA ILE A 123 6.40 -37.09 26.51
C ILE A 123 7.68 -37.63 27.13
N LYS A 124 7.69 -38.93 27.41
CA LYS A 124 8.94 -39.60 27.75
C LYS A 124 9.81 -39.81 26.53
N ASP A 125 9.20 -39.86 25.34
CA ASP A 125 9.95 -39.93 24.09
C ASP A 125 10.62 -38.61 23.74
N ILE A 126 10.19 -37.51 24.36
CA ILE A 126 10.86 -36.22 24.16
C ILE A 126 12.32 -36.31 24.58
N GLN A 127 12.60 -37.00 25.68
CA GLN A 127 13.97 -37.23 26.12
C GLN A 127 14.76 -38.11 25.16
N GLU A 128 14.09 -38.78 24.22
CA GLU A 128 14.73 -39.67 23.27
C GLU A 128 14.74 -39.13 21.85
N GLN A 129 13.58 -38.72 21.33
CA GLN A 129 13.50 -38.25 19.94
C GLN A 129 13.67 -36.74 19.84
N LEU A 130 12.78 -35.99 20.51
CA LEU A 130 12.80 -34.53 20.38
C LEU A 130 14.08 -33.95 20.96
N GLN A 131 14.51 -34.44 22.12
CA GLN A 131 15.73 -33.96 22.76
C GLN A 131 16.30 -35.02 23.69
N PHE A 143 22.26 -7.16 18.83
CA PHE A 143 23.27 -6.14 18.54
C PHE A 143 23.08 -5.56 17.14
N VAL A 144 23.39 -6.36 16.14
CA VAL A 144 23.27 -5.91 14.74
C VAL A 144 21.79 -5.74 14.41
N PRO A 145 21.37 -4.62 13.81
CA PRO A 145 19.95 -4.45 13.47
C PRO A 145 19.54 -5.25 12.25
N HIS A 146 20.50 -5.58 11.39
CA HIS A 146 20.23 -6.29 10.15
C HIS A 146 20.61 -7.76 10.29
N PRO A 147 19.68 -8.64 10.68
CA PRO A 147 20.04 -10.05 10.84
C PRO A 147 20.33 -10.74 9.51
N THR A 148 19.37 -10.65 8.58
CA THR A 148 19.53 -11.23 7.25
C THR A 148 18.46 -10.69 6.31
N ARG A 149 18.87 -10.13 5.18
CA ARG A 149 17.92 -9.75 4.13
C ARG A 149 17.47 -11.01 3.43
N THR A 150 16.29 -11.52 3.81
CA THR A 150 15.84 -12.81 3.31
C THR A 150 15.67 -12.78 1.79
N ILE A 151 14.92 -11.80 1.29
CA ILE A 151 14.67 -11.71 -0.15
C ILE A 151 14.13 -10.34 -0.51
N ALA A 152 14.42 -9.90 -1.73
CA ALA A 152 13.76 -8.75 -2.34
C ALA A 152 12.76 -9.25 -3.39
N ILE A 153 11.81 -8.37 -3.73
CA ILE A 153 10.81 -8.74 -4.72
C ILE A 153 11.49 -9.10 -6.03
N ASP A 154 11.06 -10.20 -6.64
CA ASP A 154 11.68 -10.68 -7.86
C ASP A 154 11.52 -9.66 -8.97
N PRO A 155 12.61 -9.26 -9.64
CA PRO A 155 12.49 -8.29 -10.74
C PRO A 155 11.59 -8.76 -11.88
N CYS A 156 11.53 -10.06 -12.14
CA CYS A 156 10.70 -10.57 -13.22
C CYS A 156 9.21 -10.42 -12.95
N LEU A 157 8.83 -10.12 -11.71
CA LEU A 157 7.42 -10.06 -11.36
C LEU A 157 6.71 -8.91 -12.05
N ARG A 158 7.37 -7.76 -12.18
CA ARG A 158 6.72 -6.58 -12.74
C ARG A 158 6.33 -6.79 -14.20
N ALA A 159 7.22 -7.40 -14.98
CA ALA A 159 6.91 -7.64 -16.39
C ALA A 159 5.81 -8.68 -16.56
N LEU A 160 5.77 -9.68 -15.66
CA LEU A 160 4.78 -10.75 -15.78
C LEU A 160 3.37 -10.21 -15.63
N TYR A 161 3.15 -9.32 -14.65
CA TYR A 161 1.83 -8.75 -14.48
C TYR A 161 1.49 -7.80 -15.62
N ALA A 162 2.50 -7.16 -16.21
CA ALA A 162 2.26 -6.25 -17.32
C ALA A 162 1.69 -7.00 -18.52
N GLU A 163 2.24 -8.16 -18.84
CA GLU A 163 1.74 -8.94 -19.97
C GLU A 163 0.33 -9.46 -19.69
N ALA A 164 0.06 -9.86 -18.45
CA ALA A 164 -1.25 -10.43 -18.13
C ALA A 164 -2.36 -9.42 -18.35
N THR A 165 -2.15 -8.18 -17.92
CA THR A 165 -3.17 -7.15 -18.15
C THR A 165 -3.25 -6.78 -19.63
N GLU A 166 -2.13 -6.85 -20.35
CA GLU A 166 -2.17 -6.62 -21.80
C GLU A 166 -2.74 -7.82 -22.54
N LEU A 167 -2.53 -9.03 -22.03
CA LEU A 167 -3.06 -10.23 -22.68
C LEU A 167 -4.58 -10.31 -22.57
N VAL A 168 -5.14 -9.87 -21.45
CA VAL A 168 -6.60 -9.95 -21.28
C VAL A 168 -7.30 -9.01 -22.25
N GLY A 169 -6.65 -7.91 -22.64
CA GLY A 169 -7.25 -7.01 -23.61
C GLY A 169 -7.41 -7.65 -24.98
N ILE A 170 -6.37 -8.36 -25.44
CA ILE A 170 -6.44 -9.01 -26.74
C ILE A 170 -7.50 -10.11 -26.73
N TYR A 171 -7.54 -10.91 -25.66
CA TYR A 171 -8.55 -11.95 -25.56
C TYR A 171 -9.93 -11.39 -25.24
N GLY A 172 -10.02 -10.11 -24.88
CA GLY A 172 -11.28 -9.41 -24.87
C GLY A 172 -11.58 -8.79 -26.23
N LYS A 173 -12.74 -8.14 -26.30
CA LYS A 173 -13.18 -7.47 -27.53
C LYS A 173 -13.23 -8.45 -28.71
N ARG A 174 -13.64 -9.69 -28.42
CA ARG A 174 -13.83 -10.70 -29.45
C ARG A 174 -15.28 -11.16 -29.43
N ASP A 175 -16.21 -10.21 -29.35
CA ASP A 175 -17.63 -10.50 -29.13
C ASP A 175 -18.37 -10.79 -30.43
N GLN A 176 -17.68 -11.27 -31.46
CA GLN A 176 -18.35 -11.62 -32.70
C GLN A 176 -19.40 -12.70 -32.46
N GLY A 177 -19.05 -13.72 -31.69
CA GLY A 177 -20.04 -14.72 -31.30
C GLY A 177 -21.09 -14.16 -30.36
N LEU A 178 -20.68 -13.29 -29.43
CA LEU A 178 -21.62 -12.70 -28.48
C LEU A 178 -22.66 -11.85 -29.19
N MET A 179 -22.25 -11.09 -30.20
CA MET A 179 -23.21 -10.29 -30.97
C MET A 179 -24.15 -11.19 -31.77
N ARG A 180 -23.68 -12.34 -32.22
CA ARG A 180 -24.54 -13.25 -32.97
C ARG A 180 -25.70 -13.75 -32.13
N LEU A 181 -25.44 -14.12 -30.88
CA LEU A 181 -26.48 -14.65 -30.01
C LEU A 181 -27.36 -13.56 -29.40
N LEU A 182 -27.01 -12.28 -29.59
CA LEU A 182 -27.85 -11.20 -29.09
C LEU A 182 -29.17 -11.07 -29.83
N SER A 183 -29.29 -11.70 -31.01
CA SER A 183 -30.50 -11.71 -31.82
C SER A 183 -30.88 -10.32 -32.32
N MET A 184 -29.96 -9.35 -32.22
CA MET A 184 -30.19 -8.00 -32.72
C MET A 184 -29.61 -7.84 -34.13
N GLU A 185 -30.09 -8.70 -35.04
CA GLU A 185 -29.63 -8.70 -36.42
C GLU A 185 -30.56 -7.94 -37.35
N GLY A 186 -31.86 -8.24 -37.28
CA GLY A 186 -32.85 -7.56 -38.12
C GLY A 186 -34.19 -7.52 -37.43
N ASP A 187 -35.25 -7.75 -38.21
CA ASP A 187 -36.61 -7.75 -37.69
C ASP A 187 -37.15 -9.18 -37.76
N ASP A 188 -37.61 -9.68 -36.61
CA ASP A 188 -38.15 -11.04 -36.53
C ASP A 188 -39.12 -11.11 -35.36
N ALA A 189 -40.01 -12.10 -35.42
CA ALA A 189 -40.93 -12.33 -34.33
C ALA A 189 -40.18 -12.71 -33.06
N SER A 190 -39.16 -13.56 -33.18
CA SER A 190 -38.32 -13.89 -32.03
C SER A 190 -37.56 -12.67 -31.53
N ASN A 191 -37.21 -11.74 -32.43
CA ASN A 191 -36.53 -10.53 -32.03
C ASN A 191 -37.41 -9.62 -31.19
N LYS A 192 -38.73 -9.74 -31.30
CA LYS A 192 -39.65 -8.93 -30.52
C LYS A 192 -39.87 -9.46 -29.11
N ARG A 193 -39.44 -10.69 -28.84
CA ARG A 193 -39.61 -11.27 -27.51
C ARG A 193 -38.42 -10.94 -26.62
N LEU A 194 -38.63 -11.03 -25.31
CA LEU A 194 -37.56 -10.80 -24.35
C LEU A 194 -36.52 -11.91 -24.47
N LYS A 195 -35.25 -11.51 -24.49
CA LYS A 195 -34.14 -12.46 -24.59
C LYS A 195 -33.07 -12.01 -23.60
N LYS A 196 -33.09 -12.59 -22.40
CA LYS A 196 -32.17 -12.23 -21.33
C LYS A 196 -31.06 -13.27 -21.30
N VAL A 197 -29.90 -12.91 -21.85
CA VAL A 197 -28.76 -13.80 -21.95
C VAL A 197 -27.81 -13.52 -20.80
N SER A 198 -27.26 -14.58 -20.21
CA SER A 198 -26.33 -14.47 -19.11
C SER A 198 -24.97 -15.03 -19.51
N ILE A 199 -23.91 -14.34 -19.11
CA ILE A 199 -22.54 -14.74 -19.38
C ILE A 199 -21.86 -15.05 -18.06
N VAL A 200 -21.08 -16.13 -18.03
CA VAL A 200 -20.41 -16.55 -16.81
C VAL A 200 -18.97 -16.92 -17.14
N GLY A 201 -18.10 -16.76 -16.16
CA GLY A 201 -16.69 -17.04 -16.38
C GLY A 201 -15.94 -17.10 -15.07
N PHE A 202 -14.67 -17.47 -15.17
CA PHE A 202 -13.81 -17.61 -14.01
C PHE A 202 -13.41 -16.23 -13.49
N GLY A 203 -12.59 -16.23 -12.44
CA GLY A 203 -12.10 -15.01 -11.86
C GLY A 203 -10.83 -14.49 -12.51
N GLY A 204 -10.95 -13.85 -13.67
CA GLY A 204 -9.79 -13.31 -14.34
C GLY A 204 -9.81 -13.41 -15.85
N LEU A 205 -10.81 -14.11 -16.40
CA LEU A 205 -10.88 -14.28 -17.85
C LEU A 205 -11.13 -12.97 -18.57
N GLY A 206 -11.65 -11.95 -17.89
CA GLY A 206 -11.80 -10.65 -18.50
C GLY A 206 -13.11 -10.39 -19.19
N LYS A 207 -14.19 -11.07 -18.79
CA LYS A 207 -15.49 -10.82 -19.39
C LYS A 207 -16.05 -9.47 -18.97
N THR A 208 -15.63 -8.95 -17.81
CA THR A 208 -16.12 -7.65 -17.35
C THR A 208 -15.69 -6.54 -18.31
N THR A 209 -14.44 -6.60 -18.78
CA THR A 209 -13.98 -5.63 -19.77
C THR A 209 -14.73 -5.78 -21.08
N LEU A 210 -14.98 -7.03 -21.49
CA LEU A 210 -15.64 -7.28 -22.77
C LEU A 210 -17.07 -6.75 -22.76
N ALA A 211 -17.78 -6.89 -21.65
CA ALA A 211 -19.18 -6.51 -21.59
C ALA A 211 -19.40 -5.03 -21.89
N ARG A 212 -18.36 -4.20 -21.74
CA ARG A 212 -18.49 -2.78 -22.07
C ARG A 212 -18.51 -2.53 -23.57
N ALA A 213 -17.88 -3.40 -24.35
CA ALA A 213 -17.79 -3.17 -25.80
C ALA A 213 -19.18 -3.17 -26.44
N VAL A 214 -20.03 -4.12 -26.05
CA VAL A 214 -21.38 -4.16 -26.57
C VAL A 214 -22.17 -2.94 -26.11
N TYR A 215 -21.98 -2.56 -24.85
CA TYR A 215 -22.71 -1.41 -24.29
C TYR A 215 -22.41 -0.14 -25.05
N GLU A 216 -21.13 0.10 -25.37
CA GLU A 216 -20.76 1.33 -26.06
C GLU A 216 -21.15 1.30 -27.53
N LYS A 217 -20.99 0.15 -28.18
CA LYS A 217 -21.17 0.05 -29.62
C LYS A 217 -22.62 -0.08 -30.04
N ILE A 218 -23.56 -0.19 -29.10
CA ILE A 218 -24.96 -0.39 -29.42
C ILE A 218 -25.82 0.79 -28.98
N LYS A 219 -25.20 1.90 -28.59
CA LYS A 219 -25.94 3.04 -28.07
C LYS A 219 -26.92 3.59 -29.11
N GLY A 220 -26.49 3.67 -30.37
CA GLY A 220 -27.34 4.26 -31.38
C GLY A 220 -28.60 3.45 -31.66
N ASP A 221 -28.46 2.12 -31.69
CA ASP A 221 -29.58 1.25 -32.05
C ASP A 221 -30.57 1.05 -30.90
N PHE A 222 -30.28 1.54 -29.70
CA PHE A 222 -31.14 1.34 -28.55
C PHE A 222 -31.54 2.69 -27.96
N ASP A 223 -32.80 2.78 -27.52
CA ASP A 223 -33.31 4.04 -26.98
C ASP A 223 -32.68 4.37 -25.63
N CYS A 224 -32.52 3.37 -24.78
CA CYS A 224 -32.02 3.57 -23.42
C CYS A 224 -30.93 2.54 -23.12
N ARG A 225 -30.12 2.86 -22.11
CA ARG A 225 -29.01 2.00 -21.73
C ARG A 225 -28.74 2.17 -20.24
N ALA A 226 -28.05 1.17 -19.68
CA ALA A 226 -27.75 1.17 -18.25
C ALA A 226 -26.58 0.23 -17.98
N PHE A 227 -25.78 0.58 -16.97
CA PHE A 227 -24.66 -0.26 -16.55
C PHE A 227 -24.31 0.13 -15.12
N VAL A 228 -24.54 -0.78 -14.18
CA VAL A 228 -24.22 -0.53 -12.78
C VAL A 228 -23.75 -1.82 -12.12
N PRO A 229 -22.65 -1.79 -11.38
CA PRO A 229 -22.18 -3.01 -10.71
C PRO A 229 -22.98 -3.31 -9.46
N VAL A 230 -22.82 -4.54 -8.97
CA VAL A 230 -23.47 -5.01 -7.75
C VAL A 230 -22.47 -5.18 -6.61
N GLY A 231 -21.37 -5.85 -6.88
CA GLY A 231 -20.37 -6.08 -5.85
C GLY A 231 -20.68 -7.30 -5.00
N GLN A 232 -19.97 -7.37 -3.86
CA GLN A 232 -20.10 -8.49 -2.94
C GLN A 232 -21.11 -8.23 -1.84
N ASN A 233 -22.14 -7.43 -2.11
CA ASN A 233 -23.19 -7.18 -1.14
C ASN A 233 -24.42 -8.00 -1.53
N PRO A 234 -24.75 -9.06 -0.79
CA PRO A 234 -25.95 -9.86 -1.10
C PRO A 234 -27.22 -9.23 -0.54
N ASP A 235 -27.57 -8.06 -1.05
CA ASP A 235 -28.74 -7.33 -0.60
C ASP A 235 -29.49 -6.78 -1.80
N MET A 236 -30.79 -6.56 -1.61
CA MET A 236 -31.65 -6.05 -2.67
C MET A 236 -31.91 -4.56 -2.57
N LYS A 237 -31.75 -3.96 -1.38
CA LYS A 237 -32.02 -2.54 -1.22
C LYS A 237 -31.06 -1.70 -2.05
N LYS A 238 -29.78 -2.08 -2.06
CA LYS A 238 -28.78 -1.28 -2.77
C LYS A 238 -28.97 -1.37 -4.28
N VAL A 239 -29.22 -2.57 -4.80
CA VAL A 239 -29.30 -2.74 -6.26
C VAL A 239 -30.53 -2.05 -6.82
N LEU A 240 -31.65 -2.11 -6.11
CA LEU A 240 -32.86 -1.44 -6.59
C LEU A 240 -32.65 0.08 -6.67
N ARG A 241 -31.99 0.66 -5.66
CA ARG A 241 -31.71 2.09 -5.69
C ARG A 241 -30.76 2.43 -6.83
N ASP A 242 -29.74 1.60 -7.05
CA ASP A 242 -28.82 1.85 -8.15
C ASP A 242 -29.52 1.71 -9.50
N ILE A 243 -30.41 0.74 -9.64
CA ILE A 243 -31.07 0.49 -10.92
C ILE A 243 -31.97 1.66 -11.30
N LEU A 244 -32.76 2.16 -10.35
CA LEU A 244 -33.71 3.23 -10.65
C LEU A 244 -33.02 4.53 -11.06
N ILE A 245 -31.73 4.68 -10.75
CA ILE A 245 -31.02 5.90 -11.13
C ILE A 245 -30.96 6.04 -12.64
N ASP A 246 -30.67 4.95 -13.34
CA ASP A 246 -30.41 4.98 -14.77
C ASP A 246 -31.19 3.89 -15.49
N LEU A 247 -32.50 3.80 -15.21
CA LEU A 247 -33.36 2.88 -15.96
C LEU A 247 -33.28 3.21 -17.45
N GLY A 248 -33.79 4.37 -17.82
CA GLY A 248 -33.54 4.93 -19.14
C GLY A 248 -33.07 6.36 -19.03
N ASN A 249 -33.37 6.98 -17.89
CA ASN A 249 -33.05 8.37 -17.61
C ASN A 249 -33.11 8.57 -16.10
N PRO A 250 -32.49 9.63 -15.58
CA PRO A 250 -32.65 9.94 -14.15
C PRO A 250 -34.12 10.21 -13.82
N HIS A 251 -34.54 9.75 -12.65
CA HIS A 251 -35.93 9.82 -12.23
C HIS A 251 -36.06 10.48 -10.86
N SER A 252 -35.34 11.58 -10.67
CA SER A 252 -35.40 12.40 -9.45
C SER A 252 -34.97 11.55 -8.26
N ASP A 253 -35.49 11.86 -7.07
CA ASP A 253 -35.10 11.18 -5.84
C ASP A 253 -36.10 10.06 -5.55
N LEU A 254 -35.60 8.83 -5.45
CA LEU A 254 -36.42 7.67 -5.14
C LEU A 254 -35.71 6.79 -4.12
N ALA A 255 -35.02 7.41 -3.16
CA ALA A 255 -34.26 6.65 -2.17
C ALA A 255 -35.17 5.85 -1.25
N MET A 256 -36.26 6.45 -0.80
CA MET A 256 -37.18 5.80 0.14
C MET A 256 -38.15 4.95 -0.66
N LEU A 257 -37.81 3.67 -0.84
CA LEU A 257 -38.62 2.75 -1.62
C LEU A 257 -38.57 1.37 -0.97
N ASP A 258 -39.48 0.50 -1.41
CA ASP A 258 -39.62 -0.84 -0.86
C ASP A 258 -39.39 -1.88 -1.96
N ALA A 259 -38.96 -3.07 -1.54
CA ALA A 259 -38.68 -4.13 -2.50
C ALA A 259 -39.96 -4.69 -3.11
N ASN A 260 -41.03 -4.78 -2.33
CA ASN A 260 -42.28 -5.34 -2.84
C ASN A 260 -42.87 -4.46 -3.96
N GLN A 261 -42.77 -3.14 -3.80
CA GLN A 261 -43.34 -2.21 -4.77
C GLN A 261 -42.42 -2.02 -5.99
N LEU A 262 -41.27 -2.68 -6.03
CA LEU A 262 -40.42 -2.60 -7.21
C LEU A 262 -41.13 -3.07 -8.46
N ILE A 263 -42.08 -3.99 -8.31
CA ILE A 263 -42.89 -4.42 -9.45
C ILE A 263 -43.65 -3.23 -10.02
N LYS A 264 -44.26 -2.44 -9.15
CA LYS A 264 -44.93 -1.22 -9.60
C LYS A 264 -43.92 -0.10 -9.90
N LYS A 265 -42.82 -0.05 -9.15
CA LYS A 265 -41.85 1.02 -9.34
C LYS A 265 -41.23 0.97 -10.73
N LEU A 266 -40.86 -0.23 -11.19
CA LEU A 266 -40.38 -0.36 -12.55
C LEU A 266 -41.52 -0.31 -13.55
N HIS A 267 -42.75 -0.58 -13.11
CA HIS A 267 -43.89 -0.54 -14.02
C HIS A 267 -44.13 0.88 -14.54
N GLU A 268 -44.04 1.88 -13.67
CA GLU A 268 -44.32 3.25 -14.08
C GLU A 268 -43.27 3.82 -15.03
N PHE A 269 -42.12 3.15 -15.18
CA PHE A 269 -41.07 3.63 -16.06
C PHE A 269 -40.91 2.82 -17.33
N LEU A 270 -41.14 1.51 -17.29
CA LEU A 270 -40.91 0.64 -18.44
C LEU A 270 -42.08 -0.32 -18.64
N GLU A 271 -43.30 0.18 -18.50
CA GLU A 271 -44.47 -0.66 -18.72
C GLU A 271 -44.52 -1.16 -20.16
N ASN A 272 -44.19 -0.29 -21.12
CA ASN A 272 -44.12 -0.67 -22.53
C ASN A 272 -42.89 -0.08 -23.20
N LYS A 273 -41.85 0.20 -22.42
CA LYS A 273 -40.65 0.86 -22.91
C LYS A 273 -39.57 -0.15 -23.23
N ARG A 274 -38.95 0.01 -24.39
CA ARG A 274 -37.83 -0.84 -24.80
C ARG A 274 -36.65 -0.58 -23.85
N TYR A 275 -36.38 -1.54 -22.96
CA TYR A 275 -35.42 -1.37 -21.89
C TYR A 275 -34.18 -2.21 -22.16
N LEU A 276 -33.00 -1.61 -22.00
CA LEU A 276 -31.71 -2.28 -22.17
C LEU A 276 -30.84 -1.95 -20.96
N VAL A 277 -30.85 -2.83 -19.97
CA VAL A 277 -30.04 -2.66 -18.78
C VAL A 277 -29.07 -3.84 -18.67
N ILE A 278 -27.94 -3.61 -18.02
CA ILE A 278 -26.93 -4.64 -17.81
C ILE A 278 -26.53 -4.64 -16.34
N ILE A 279 -26.56 -5.82 -15.72
CA ILE A 279 -26.14 -6.01 -14.33
C ILE A 279 -24.90 -6.89 -14.33
N ASP A 280 -23.84 -6.43 -13.68
CA ASP A 280 -22.56 -7.13 -13.68
C ASP A 280 -22.02 -7.26 -12.26
N ASP A 281 -21.11 -8.22 -12.08
CA ASP A 281 -20.42 -8.47 -10.82
C ASP A 281 -21.40 -8.77 -9.70
N ILE A 282 -22.12 -9.89 -9.88
CA ILE A 282 -23.17 -10.31 -8.97
C ILE A 282 -22.87 -11.71 -8.47
N TRP A 283 -23.08 -11.93 -7.16
CA TRP A 283 -22.99 -13.26 -6.56
C TRP A 283 -24.34 -13.80 -6.13
N ASP A 284 -25.43 -13.11 -6.44
CA ASP A 284 -26.77 -13.52 -6.05
C ASP A 284 -27.46 -14.23 -7.21
N GLU A 285 -28.22 -15.28 -6.88
CA GLU A 285 -28.82 -16.15 -7.87
C GLU A 285 -30.30 -15.89 -8.11
N LYS A 286 -31.05 -15.50 -7.08
CA LYS A 286 -32.47 -15.25 -7.24
C LYS A 286 -32.76 -13.82 -7.69
N LEU A 287 -31.75 -12.97 -7.83
CA LEU A 287 -31.98 -11.60 -8.27
C LEU A 287 -32.52 -11.57 -9.70
N TRP A 288 -32.09 -12.51 -10.54
CA TRP A 288 -32.54 -12.53 -11.92
C TRP A 288 -34.05 -12.70 -12.01
N GLU A 289 -34.61 -13.61 -11.20
CA GLU A 289 -36.05 -13.82 -11.20
C GLU A 289 -36.79 -12.58 -10.69
N GLY A 290 -36.26 -11.94 -9.65
CA GLY A 290 -36.95 -10.80 -9.08
C GLY A 290 -37.10 -9.65 -10.05
N ILE A 291 -36.01 -9.29 -10.73
CA ILE A 291 -36.09 -8.25 -11.74
C ILE A 291 -36.94 -8.71 -12.93
N ASN A 292 -36.86 -10.01 -13.25
CA ASN A 292 -37.69 -10.55 -14.32
C ASN A 292 -39.18 -10.43 -13.97
N PHE A 293 -39.52 -10.67 -12.70
CA PHE A 293 -40.89 -10.45 -12.26
C PHE A 293 -41.28 -8.98 -12.40
N ALA A 294 -40.36 -8.08 -12.04
CA ALA A 294 -40.59 -6.66 -12.26
C ALA A 294 -40.58 -6.30 -13.74
N PHE A 295 -39.96 -7.13 -14.57
CA PHE A 295 -39.97 -6.93 -16.01
C PHE A 295 -41.13 -7.65 -16.70
N SER A 296 -42.01 -8.27 -15.92
CA SER A 296 -43.17 -9.00 -16.44
C SER A 296 -42.74 -10.16 -17.33
N ASN A 297 -43.68 -10.69 -18.11
CA ASN A 297 -43.38 -11.79 -19.01
C ASN A 297 -42.79 -11.25 -20.32
N ARG A 298 -42.61 -12.14 -21.30
CA ARG A 298 -42.05 -11.72 -22.58
C ARG A 298 -42.99 -10.74 -23.27
N ASN A 299 -42.41 -9.66 -23.79
CA ASN A 299 -43.18 -8.62 -24.45
C ASN A 299 -43.20 -8.85 -25.96
N ASN A 300 -43.72 -7.87 -26.70
CA ASN A 300 -43.76 -7.95 -28.16
C ASN A 300 -42.95 -6.84 -28.82
N LEU A 301 -42.11 -6.14 -28.06
CA LEU A 301 -41.27 -5.08 -28.62
C LEU A 301 -39.87 -5.59 -28.97
N GLY A 302 -39.19 -6.20 -28.01
CA GLY A 302 -37.83 -6.65 -28.21
C GLY A 302 -36.83 -5.97 -27.31
N SER A 303 -36.27 -6.71 -26.35
CA SER A 303 -35.30 -6.16 -25.42
C SER A 303 -34.33 -7.25 -25.02
N ARG A 304 -33.16 -6.82 -24.53
CA ARG A 304 -32.10 -7.74 -24.13
C ARG A 304 -31.64 -7.39 -22.71
N LEU A 305 -31.34 -8.43 -21.94
CA LEU A 305 -30.82 -8.27 -20.58
C LEU A 305 -29.57 -9.12 -20.46
N ILE A 306 -28.42 -8.46 -20.31
CA ILE A 306 -27.12 -9.13 -20.24
C ILE A 306 -26.62 -9.04 -18.81
N THR A 307 -26.29 -10.19 -18.23
CA THR A 307 -25.77 -10.26 -16.87
C THR A 307 -24.54 -11.16 -16.84
N THR A 308 -23.53 -10.75 -16.08
CA THR A 308 -22.31 -11.54 -15.92
C THR A 308 -22.18 -11.99 -14.46
N THR A 309 -21.50 -13.11 -14.27
CA THR A 309 -21.35 -13.70 -12.95
C THR A 309 -20.07 -14.54 -12.94
N ARG A 310 -19.43 -14.60 -11.78
CA ARG A 310 -18.25 -15.44 -11.60
C ARG A 310 -18.58 -16.81 -11.02
N ILE A 311 -19.85 -17.10 -10.74
CA ILE A 311 -20.27 -18.38 -10.19
C ILE A 311 -21.28 -18.98 -11.16
N VAL A 312 -20.93 -20.11 -11.77
CA VAL A 312 -21.81 -20.74 -12.74
C VAL A 312 -23.08 -21.23 -12.06
N SER A 313 -22.95 -21.87 -10.90
CA SER A 313 -24.12 -22.39 -10.20
C SER A 313 -25.08 -21.26 -9.85
N VAL A 314 -24.54 -20.12 -9.42
CA VAL A 314 -25.37 -18.92 -9.24
C VAL A 314 -25.96 -18.48 -10.57
N SER A 315 -25.15 -18.49 -11.64
CA SER A 315 -25.65 -18.09 -12.95
C SER A 315 -26.59 -19.16 -13.52
N ASN A 316 -26.39 -20.43 -13.13
CA ASN A 316 -27.32 -21.47 -13.57
C ASN A 316 -28.72 -21.20 -13.08
N SER A 317 -28.86 -20.79 -11.82
CA SER A 317 -30.16 -20.35 -11.31
C SER A 317 -30.61 -19.07 -12.01
N CYS A 318 -29.66 -18.19 -12.33
CA CYS A 318 -29.99 -16.96 -13.04
C CYS A 318 -30.41 -17.21 -14.48
N CYS A 319 -29.84 -18.23 -15.12
CA CYS A 319 -30.13 -18.54 -16.52
C CYS A 319 -30.53 -20.00 -16.61
N SER A 320 -31.83 -20.27 -16.45
CA SER A 320 -32.35 -21.64 -16.56
C SER A 320 -33.67 -21.70 -17.32
N SER A 321 -33.97 -20.69 -18.12
CA SER A 321 -35.23 -20.62 -18.86
C SER A 321 -35.00 -20.82 -20.34
N ASP A 322 -36.07 -21.17 -21.04
CA ASP A 322 -35.99 -21.38 -22.48
C ASP A 322 -35.72 -20.06 -23.21
N GLY A 323 -34.99 -20.16 -24.31
CA GLY A 323 -34.62 -18.99 -25.07
C GLY A 323 -33.34 -18.34 -24.57
N ASP A 324 -33.15 -18.37 -23.26
CA ASP A 324 -31.93 -17.83 -22.67
C ASP A 324 -30.73 -18.70 -23.02
N SER A 325 -29.56 -18.09 -23.04
CA SER A 325 -28.33 -18.76 -23.41
C SER A 325 -27.23 -18.44 -22.42
N VAL A 326 -26.22 -19.31 -22.37
CA VAL A 326 -25.05 -19.15 -21.52
C VAL A 326 -23.83 -19.04 -22.41
N TYR A 327 -23.05 -17.97 -22.22
CA TYR A 327 -21.82 -17.76 -22.96
C TYR A 327 -20.67 -17.59 -21.97
N GLN A 328 -19.60 -18.36 -22.17
CA GLN A 328 -18.44 -18.32 -21.30
C GLN A 328 -17.19 -18.08 -22.13
N MET A 329 -16.24 -17.35 -21.56
CA MET A 329 -14.97 -17.10 -22.24
C MET A 329 -14.15 -18.38 -22.32
N GLU A 330 -13.48 -18.57 -23.45
CA GLU A 330 -12.70 -19.77 -23.66
C GLU A 330 -11.42 -19.74 -22.81
N PRO A 331 -10.83 -20.91 -22.58
CA PRO A 331 -9.50 -20.92 -21.96
C PRO A 331 -8.45 -20.28 -22.85
N LEU A 332 -7.41 -19.74 -22.22
CA LEU A 332 -6.39 -18.93 -22.90
C LEU A 332 -5.44 -19.82 -23.71
N SER A 333 -6.00 -20.52 -24.69
CA SER A 333 -5.23 -21.31 -25.65
C SER A 333 -4.35 -22.35 -24.98
N VAL A 334 -3.40 -22.91 -25.74
CA VAL A 334 -2.46 -23.88 -25.22
C VAL A 334 -1.04 -23.39 -25.47
N ASP A 335 -0.88 -22.51 -26.46
CA ASP A 335 0.42 -21.94 -26.76
C ASP A 335 0.60 -20.56 -26.13
N ASP A 336 -0.46 -19.75 -26.11
CA ASP A 336 -0.39 -18.44 -25.49
C ASP A 336 -0.40 -18.53 -23.96
N SER A 337 -0.83 -19.66 -23.42
CA SER A 337 -0.83 -19.82 -21.97
C SER A 337 0.57 -20.08 -21.43
N ARG A 338 1.45 -20.66 -22.25
CA ARG A 338 2.81 -20.94 -21.79
C ARG A 338 3.59 -19.66 -21.52
N MET A 339 3.24 -18.56 -22.19
CA MET A 339 3.95 -17.30 -21.98
C MET A 339 3.77 -16.80 -20.56
N LEU A 340 2.56 -16.93 -20.02
CA LEU A 340 2.28 -16.48 -18.66
C LEU A 340 2.86 -17.42 -17.60
N PHE A 341 3.37 -18.58 -18.01
CA PHE A 341 3.90 -19.58 -17.08
C PHE A 341 5.41 -19.73 -17.19
N TYR A 342 5.93 -19.88 -18.41
CA TYR A 342 7.36 -20.13 -18.59
C TYR A 342 8.21 -18.90 -18.28
N LYS A 343 7.61 -17.72 -18.18
CA LYS A 343 8.39 -16.52 -17.87
C LYS A 343 8.76 -16.47 -16.38
N ARG A 344 7.87 -16.96 -15.52
CA ARG A 344 8.03 -16.87 -14.08
C ARG A 344 9.11 -17.80 -13.54
N ILE A 345 9.44 -18.88 -14.25
CA ILE A 345 10.29 -19.93 -13.74
C ILE A 345 11.66 -19.96 -14.44
N PHE A 346 11.66 -19.89 -15.77
CA PHE A 346 12.88 -20.03 -16.57
C PHE A 346 13.03 -18.81 -17.46
N PRO A 347 13.52 -17.69 -16.91
CA PRO A 347 13.66 -16.48 -17.73
C PRO A 347 14.61 -16.62 -18.90
N ASP A 348 15.68 -17.44 -18.77
CA ASP A 348 16.73 -17.47 -19.76
C ASP A 348 16.82 -18.80 -20.51
N GLU A 349 17.02 -19.92 -19.80
CA GLU A 349 17.28 -21.19 -20.46
C GLU A 349 16.81 -22.35 -19.60
N ASN A 350 16.19 -23.35 -20.24
CA ASN A 350 15.87 -24.61 -19.59
C ASN A 350 15.48 -25.66 -20.63
N ALA A 351 16.12 -26.83 -20.56
CA ALA A 351 15.78 -27.94 -21.44
C ALA A 351 15.84 -29.26 -20.68
N CYS A 352 15.56 -29.21 -19.38
CA CYS A 352 15.66 -30.38 -18.52
C CYS A 352 14.32 -31.01 -18.20
N ILE A 353 13.36 -30.23 -17.73
CA ILE A 353 12.03 -30.71 -17.39
C ILE A 353 11.06 -30.19 -18.44
N ASN A 354 10.56 -31.08 -19.28
CA ASN A 354 9.53 -30.74 -20.27
C ASN A 354 8.29 -31.60 -20.16
N GLU A 355 8.45 -32.91 -19.92
CA GLU A 355 7.29 -33.77 -19.72
C GLU A 355 6.52 -33.35 -18.47
N PHE A 356 7.24 -33.10 -17.38
CA PHE A 356 6.60 -32.54 -16.19
C PHE A 356 6.11 -31.12 -16.46
N GLU A 357 6.84 -30.37 -17.26
CA GLU A 357 6.40 -29.03 -17.66
C GLU A 357 5.07 -29.09 -18.39
N GLN A 358 4.97 -29.97 -19.38
CA GLN A 358 3.75 -30.05 -20.18
C GLN A 358 2.59 -30.63 -19.38
N VAL A 359 2.85 -31.67 -18.59
CA VAL A 359 1.76 -32.34 -17.88
C VAL A 359 1.21 -31.43 -16.78
N SER A 360 2.06 -30.59 -16.19
CA SER A 360 1.57 -29.63 -15.21
C SER A 360 0.69 -28.57 -15.87
N ARG A 361 0.94 -28.25 -17.14
CA ARG A 361 0.07 -27.34 -17.87
C ARG A 361 -1.32 -27.94 -18.03
N ASP A 362 -1.38 -29.20 -18.47
CA ASP A 362 -2.66 -29.85 -18.68
C ASP A 362 -3.43 -30.04 -17.37
N ILE A 363 -2.75 -29.97 -16.23
CA ILE A 363 -3.44 -30.00 -14.95
C ILE A 363 -4.43 -28.86 -14.85
N LEU A 364 -4.06 -27.69 -15.35
CA LEU A 364 -4.92 -26.53 -15.32
C LEU A 364 -6.17 -26.68 -16.20
N LYS A 365 -6.39 -27.83 -16.83
CA LYS A 365 -7.62 -28.04 -17.59
C LYS A 365 -8.84 -28.03 -16.67
N LYS A 366 -8.63 -28.30 -15.38
CA LYS A 366 -9.71 -28.13 -14.40
C LYS A 366 -10.30 -26.74 -14.48
N CYS A 367 -9.46 -25.74 -14.76
CA CYS A 367 -9.92 -24.42 -15.14
C CYS A 367 -9.70 -24.10 -16.61
N GLY A 368 -8.87 -24.87 -17.29
CA GLY A 368 -8.60 -24.67 -18.71
C GLY A 368 -7.34 -23.90 -19.02
N GLY A 369 -6.75 -23.24 -18.05
CA GLY A 369 -5.62 -22.36 -18.31
C GLY A 369 -5.94 -20.92 -17.97
N VAL A 370 -6.78 -20.73 -16.96
CA VAL A 370 -7.19 -19.40 -16.52
C VAL A 370 -5.97 -18.68 -15.95
N PRO A 371 -5.90 -17.35 -16.04
CA PRO A 371 -4.69 -16.66 -15.56
C PRO A 371 -4.45 -16.79 -14.07
N LEU A 372 -5.51 -16.82 -13.25
CA LEU A 372 -5.33 -16.81 -11.81
C LEU A 372 -4.72 -18.11 -11.31
N ALA A 373 -5.23 -19.24 -11.80
CA ALA A 373 -4.71 -20.53 -11.35
C ALA A 373 -3.31 -20.81 -11.87
N ILE A 374 -2.91 -20.18 -12.98
CA ILE A 374 -1.56 -20.40 -13.51
C ILE A 374 -0.52 -19.78 -12.59
N ILE A 375 -0.75 -18.54 -12.15
CA ILE A 375 0.25 -17.83 -11.35
C ILE A 375 0.37 -18.45 -9.96
N THR A 376 -0.76 -18.87 -9.38
CA THR A 376 -0.74 -19.38 -8.01
C THR A 376 0.08 -20.66 -7.89
N ILE A 377 -0.03 -21.56 -8.86
CA ILE A 377 0.74 -22.80 -8.81
C ILE A 377 2.18 -22.60 -9.30
N ALA A 378 2.39 -21.75 -10.31
CA ALA A 378 3.73 -21.58 -10.87
C ALA A 378 4.69 -20.98 -9.85
N SER A 379 4.29 -19.87 -9.23
CA SER A 379 5.18 -19.17 -8.32
C SER A 379 5.47 -19.96 -7.05
N ALA A 380 4.62 -20.92 -6.70
CA ALA A 380 4.92 -21.76 -5.55
C ALA A 380 6.10 -22.68 -5.81
N LEU A 381 6.48 -22.87 -7.07
CA LEU A 381 7.64 -23.68 -7.39
C LEU A 381 8.94 -22.96 -7.03
N ALA A 382 9.04 -21.67 -7.37
CA ALA A 382 10.27 -20.90 -7.18
C ALA A 382 9.98 -19.71 -6.28
N GLY A 383 10.71 -19.60 -5.18
CA GLY A 383 10.59 -18.46 -4.30
C GLY A 383 11.72 -17.48 -4.49
N ASP A 384 12.94 -17.99 -4.59
CA ASP A 384 14.12 -17.19 -4.92
C ASP A 384 15.00 -17.83 -5.98
N GLN A 385 14.95 -19.15 -6.15
CA GLN A 385 15.69 -19.86 -7.17
C GLN A 385 14.83 -21.03 -7.64
N LYS A 386 15.42 -21.93 -8.43
CA LYS A 386 14.71 -23.12 -8.87
C LYS A 386 14.48 -24.06 -7.70
N MET A 387 13.82 -25.18 -7.97
CA MET A 387 13.45 -26.13 -6.93
C MET A 387 13.77 -27.55 -7.38
N LYS A 388 13.72 -28.47 -6.42
CA LYS A 388 13.93 -29.90 -6.60
C LYS A 388 12.78 -30.50 -7.40
N PRO A 389 12.79 -31.80 -7.71
CA PRO A 389 11.61 -32.43 -8.30
C PRO A 389 10.33 -32.06 -7.58
N LYS A 390 9.30 -31.72 -8.36
CA LYS A 390 8.14 -31.01 -7.82
C LYS A 390 7.37 -31.87 -6.83
N CYS A 391 7.03 -33.09 -7.22
CA CYS A 391 6.22 -34.05 -6.48
C CYS A 391 4.78 -33.59 -6.31
N GLU A 392 4.42 -32.41 -6.82
CA GLU A 392 3.03 -31.97 -6.79
C GLU A 392 2.16 -32.81 -7.71
N TRP A 393 2.77 -33.49 -8.68
CA TRP A 393 2.03 -34.30 -9.65
C TRP A 393 1.31 -35.48 -8.99
N ASP A 394 1.67 -35.83 -7.76
CA ASP A 394 1.06 -36.95 -7.05
C ASP A 394 -0.02 -36.52 -6.08
N ILE A 395 -0.35 -35.22 -5.99
CA ILE A 395 -1.30 -34.76 -5.01
C ILE A 395 -2.55 -34.20 -5.69
N LEU A 396 -2.37 -33.16 -6.50
CA LEU A 396 -3.49 -32.50 -7.17
C LEU A 396 -3.76 -33.08 -8.56
N LEU A 397 -2.70 -33.32 -9.33
CA LEU A 397 -2.75 -34.04 -10.61
C LEU A 397 -3.94 -33.67 -11.49
N ARG A 398 -4.89 -34.58 -11.64
CA ARG A 398 -6.06 -34.39 -12.49
C ARG A 398 -7.31 -34.81 -11.74
N SER A 399 -7.15 -35.73 -10.77
CA SER A 399 -8.28 -36.31 -10.06
C SER A 399 -9.09 -35.28 -9.27
N LEU A 400 -8.54 -34.09 -9.04
CA LEU A 400 -9.29 -33.03 -8.37
C LEU A 400 -10.32 -32.48 -9.35
N GLY A 401 -11.46 -33.15 -9.40
CA GLY A 401 -12.61 -32.72 -10.18
C GLY A 401 -12.35 -32.45 -11.65
N SER A 402 -13.31 -31.83 -12.32
CA SER A 402 -13.14 -31.40 -13.71
C SER A 402 -14.11 -30.23 -13.93
N GLY A 403 -13.57 -29.02 -13.93
CA GLY A 403 -14.40 -27.84 -14.00
C GLY A 403 -14.42 -27.17 -15.36
N LEU A 404 -14.44 -27.97 -16.43
CA LEU A 404 -14.59 -27.38 -17.76
C LEU A 404 -15.94 -26.70 -17.90
N THR A 405 -17.01 -27.37 -17.44
CA THR A 405 -18.36 -26.80 -17.54
C THR A 405 -19.20 -26.94 -16.27
N GLU A 406 -18.85 -27.81 -15.31
CA GLU A 406 -19.76 -28.09 -14.21
C GLU A 406 -19.12 -27.93 -12.83
N ASP A 407 -17.82 -28.21 -12.72
CA ASP A 407 -17.11 -28.04 -11.46
C ASP A 407 -16.36 -26.71 -11.39
N ASN A 408 -16.56 -25.84 -12.38
CA ASN A 408 -15.88 -24.55 -12.42
C ASN A 408 -16.36 -23.58 -11.35
N SER A 409 -17.42 -23.90 -10.62
CA SER A 409 -17.92 -23.05 -9.55
C SER A 409 -17.02 -23.23 -8.33
N LEU A 410 -17.49 -22.77 -7.18
CA LEU A 410 -16.67 -22.87 -5.97
C LEU A 410 -16.64 -24.30 -5.47
N GLU A 411 -16.16 -25.20 -6.32
CA GLU A 411 -15.93 -26.60 -6.03
C GLU A 411 -14.53 -27.06 -6.42
N GLU A 412 -13.97 -26.53 -7.50
CA GLU A 412 -12.66 -26.97 -7.98
C GLU A 412 -11.60 -25.89 -7.92
N MET A 413 -11.88 -24.70 -8.49
CA MET A 413 -10.90 -23.62 -8.45
C MET A 413 -10.59 -23.20 -7.01
N ARG A 414 -11.55 -23.35 -6.11
CA ARG A 414 -11.30 -23.08 -4.70
C ARG A 414 -10.24 -24.01 -4.13
N ARG A 415 -10.24 -25.28 -4.55
CA ARG A 415 -9.26 -26.23 -4.04
C ARG A 415 -7.84 -25.87 -4.47
N ILE A 416 -7.69 -25.34 -5.68
CA ILE A 416 -6.35 -24.96 -6.15
C ILE A 416 -5.77 -23.87 -5.28
N LEU A 417 -6.57 -22.85 -4.96
CA LEU A 417 -6.12 -21.82 -4.04
C LEU A 417 -5.92 -22.36 -2.63
N SER A 418 -6.65 -23.40 -2.26
CA SER A 418 -6.50 -23.98 -0.94
C SER A 418 -5.22 -24.78 -0.81
N PHE A 419 -4.76 -25.39 -1.90
CA PHE A 419 -3.53 -26.19 -1.83
C PHE A 419 -2.31 -25.31 -1.60
N SER A 420 -2.25 -24.15 -2.26
CA SER A 420 -1.12 -23.25 -2.09
C SER A 420 -1.07 -22.66 -0.69
N TYR A 421 -2.23 -22.54 -0.03
CA TYR A 421 -2.26 -21.96 1.31
C TYR A 421 -1.53 -22.83 2.32
N SER A 422 -1.64 -24.16 2.18
CA SER A 422 -1.03 -25.07 3.14
C SER A 422 0.45 -25.30 2.91
N ASN A 423 1.01 -24.83 1.79
CA ASN A 423 2.44 -24.94 1.55
C ASN A 423 3.23 -23.73 2.03
N LEU A 424 2.56 -22.69 2.51
CA LEU A 424 3.27 -21.53 3.03
C LEU A 424 4.00 -21.91 4.30
N PRO A 425 5.27 -21.51 4.46
CA PRO A 425 6.05 -21.97 5.61
C PRO A 425 5.65 -21.33 6.93
N SER A 426 4.98 -22.10 7.78
CA SER A 426 4.76 -21.77 9.19
C SER A 426 4.20 -20.38 9.44
N ASN A 427 5.08 -19.45 9.84
CA ASN A 427 4.64 -18.18 10.41
C ASN A 427 3.91 -17.29 9.42
N LEU A 428 4.12 -17.47 8.11
CA LEU A 428 3.44 -16.63 7.14
C LEU A 428 1.93 -16.83 7.14
N LYS A 429 1.45 -17.98 7.62
CA LYS A 429 0.01 -18.25 7.60
C LYS A 429 -0.74 -17.26 8.49
N THR A 430 -0.20 -17.01 9.69
CA THR A 430 -0.89 -16.10 10.60
C THR A 430 -0.83 -14.66 10.13
N CYS A 431 0.27 -14.26 9.50
CA CYS A 431 0.38 -12.89 8.99
C CYS A 431 -0.61 -12.65 7.87
N LEU A 432 -0.77 -13.62 6.96
CA LEU A 432 -1.67 -13.45 5.84
C LEU A 432 -3.12 -13.36 6.30
N LEU A 433 -3.50 -14.16 7.30
CA LEU A 433 -4.88 -14.19 7.75
C LEU A 433 -5.32 -12.83 8.29
N TYR A 434 -4.38 -12.04 8.81
CA TYR A 434 -4.72 -10.77 9.43
C TYR A 434 -5.29 -9.76 8.44
N LEU A 435 -5.10 -9.97 7.14
CA LEU A 435 -5.59 -9.02 6.15
C LEU A 435 -7.09 -9.04 5.98
N CYS A 436 -7.84 -9.82 6.75
CA CYS A 436 -9.29 -9.85 6.63
C CYS A 436 -9.96 -8.63 7.25
N VAL A 437 -9.24 -7.86 8.06
CA VAL A 437 -9.84 -6.69 8.72
C VAL A 437 -10.02 -5.50 7.80
N TYR A 438 -9.61 -5.61 6.52
CA TYR A 438 -9.72 -4.50 5.60
C TYR A 438 -10.83 -4.75 4.58
N PRO A 439 -11.49 -3.70 4.09
CA PRO A 439 -12.59 -3.89 3.15
C PRO A 439 -12.13 -4.35 1.78
N GLU A 440 -13.08 -4.51 0.86
CA GLU A 440 -12.76 -5.00 -0.47
C GLU A 440 -11.99 -3.95 -1.27
N ASP A 441 -10.94 -4.40 -1.96
CA ASP A 441 -10.16 -3.57 -2.89
C ASP A 441 -9.55 -2.36 -2.20
N SER A 442 -9.23 -2.48 -0.91
CA SER A 442 -8.67 -1.37 -0.16
C SER A 442 -7.19 -1.20 -0.48
N MET A 443 -6.66 -0.03 -0.10
CA MET A 443 -5.26 0.30 -0.30
C MET A 443 -4.52 0.08 1.01
N ILE A 444 -3.56 -0.84 1.00
CA ILE A 444 -2.82 -1.23 2.21
C ILE A 444 -1.39 -0.73 2.07
N SER A 445 -1.06 0.31 2.83
CA SER A 445 0.31 0.82 2.84
C SER A 445 1.25 -0.18 3.48
N ARG A 446 2.48 -0.25 2.94
CA ARG A 446 3.44 -1.22 3.44
C ARG A 446 3.89 -0.87 4.86
N ASP A 447 4.20 0.40 5.11
CA ASP A 447 4.74 0.79 6.41
C ASP A 447 3.73 0.59 7.53
N LYS A 448 2.47 0.95 7.28
CA LYS A 448 1.45 0.83 8.33
C LYS A 448 1.22 -0.63 8.72
N LEU A 449 1.20 -1.53 7.73
CA LEU A 449 0.93 -2.93 8.01
C LEU A 449 2.06 -3.58 8.79
N ILE A 450 3.31 -3.31 8.40
CA ILE A 450 4.44 -3.95 9.06
C ILE A 450 4.54 -3.50 10.51
N TRP A 451 4.36 -2.20 10.77
CA TRP A 451 4.43 -1.71 12.14
C TRP A 451 3.27 -2.18 13.00
N LYS A 452 2.24 -2.76 12.40
CA LYS A 452 1.15 -3.34 13.18
C LYS A 452 1.42 -4.80 13.51
N TRP A 453 2.13 -5.52 12.63
CA TRP A 453 2.48 -6.90 12.91
C TRP A 453 3.37 -7.00 14.15
N VAL A 454 4.28 -6.03 14.32
CA VAL A 454 5.18 -6.04 15.46
C VAL A 454 4.42 -5.81 16.75
N ALA A 455 3.41 -4.94 16.73
CA ALA A 455 2.69 -4.60 17.95
C ALA A 455 2.00 -5.81 18.54
N GLU A 456 1.34 -6.62 17.70
CA GLU A 456 0.67 -7.81 18.20
C GLU A 456 1.64 -8.93 18.52
N GLY A 457 2.73 -9.03 17.76
CA GLY A 457 3.77 -10.01 18.06
C GLY A 457 3.75 -11.24 17.18
N PHE A 458 3.58 -11.06 15.87
CA PHE A 458 3.58 -12.18 14.93
C PHE A 458 4.96 -12.47 14.34
N VAL A 459 5.99 -11.71 14.73
CA VAL A 459 7.34 -11.92 14.22
C VAL A 459 8.17 -12.54 15.34
N HIS A 460 8.66 -13.75 15.10
CA HIS A 460 9.45 -14.47 16.09
C HIS A 460 10.77 -13.75 16.33
N HIS A 461 11.05 -13.42 17.60
CA HIS A 461 12.24 -12.64 17.95
C HIS A 461 13.46 -13.54 17.86
N GLU A 462 13.89 -13.77 16.62
CA GLU A 462 15.05 -14.60 16.36
C GLU A 462 16.34 -13.80 16.53
N ASN A 463 17.42 -14.52 16.86
CA ASN A 463 18.78 -14.01 17.03
C ASN A 463 18.93 -13.11 18.26
N GLN A 464 17.84 -12.84 18.99
CA GLN A 464 17.91 -12.20 20.32
C GLN A 464 18.62 -10.84 20.27
N GLY A 465 17.91 -9.85 19.71
CA GLY A 465 18.44 -8.50 19.72
C GLY A 465 18.58 -7.84 18.36
N ASN A 466 17.77 -8.26 17.39
CA ASN A 466 17.75 -7.64 16.08
C ASN A 466 16.43 -6.90 15.88
N SER A 467 16.46 -5.94 14.96
CA SER A 467 15.30 -5.09 14.74
C SER A 467 14.13 -5.92 14.21
N LEU A 468 12.96 -5.72 14.79
CA LEU A 468 11.78 -6.47 14.38
C LEU A 468 11.22 -5.96 13.05
N TYR A 469 11.47 -4.70 12.71
CA TYR A 469 10.94 -4.15 11.47
C TYR A 469 11.55 -4.85 10.26
N LEU A 470 12.86 -5.10 10.28
CA LEU A 470 13.51 -5.73 9.14
C LEU A 470 13.02 -7.16 8.93
N LEU A 471 12.84 -7.92 10.01
CA LEU A 471 12.30 -9.27 9.89
C LEU A 471 10.87 -9.23 9.37
N GLY A 472 10.09 -8.25 9.81
CA GLY A 472 8.74 -8.10 9.28
C GLY A 472 8.73 -7.77 7.80
N LEU A 473 9.74 -7.01 7.35
CA LEU A 473 9.82 -6.67 5.93
C LEU A 473 10.11 -7.91 5.09
N ASN A 474 10.84 -8.87 5.64
CA ASN A 474 11.13 -10.10 4.91
C ASN A 474 9.87 -10.89 4.64
N TYR A 475 8.94 -10.91 5.60
CA TYR A 475 7.69 -11.64 5.42
C TYR A 475 6.86 -11.04 4.28
N PHE A 476 6.79 -9.71 4.23
CA PHE A 476 5.96 -9.04 3.22
C PHE A 476 6.48 -9.32 1.81
N ASN A 477 7.80 -9.34 1.63
CA ASN A 477 8.37 -9.62 0.31
C ASN A 477 8.01 -11.02 -0.16
N GLN A 478 8.07 -12.00 0.74
CA GLN A 478 7.78 -13.38 0.34
C GLN A 478 6.31 -13.57 0.00
N LEU A 479 5.42 -12.85 0.67
CA LEU A 479 4.01 -12.88 0.28
C LEU A 479 3.82 -12.28 -1.11
N ILE A 480 4.51 -11.17 -1.40
CA ILE A 480 4.49 -10.61 -2.74
C ILE A 480 5.05 -11.61 -3.74
N ASN A 481 6.03 -12.41 -3.31
CA ASN A 481 6.76 -13.26 -4.24
C ASN A 481 5.86 -14.24 -4.95
N ARG A 482 5.05 -15.00 -4.21
CA ARG A 482 4.36 -16.08 -4.90
C ARG A 482 3.06 -15.64 -5.56
N SER A 483 1.98 -15.47 -4.80
CA SER A 483 0.76 -14.93 -5.39
C SER A 483 -0.16 -14.22 -4.42
N MET A 484 0.17 -14.12 -3.13
CA MET A 484 -0.87 -13.83 -2.14
C MET A 484 -1.32 -12.37 -2.15
N ILE A 485 -0.41 -11.44 -2.43
CA ILE A 485 -0.75 -10.02 -2.46
C ILE A 485 -0.13 -9.40 -3.71
N GLN A 486 -0.92 -8.56 -4.39
CA GLN A 486 -0.52 -7.91 -5.64
C GLN A 486 0.17 -6.57 -5.33
N PRO A 487 1.39 -6.36 -5.81
CA PRO A 487 2.09 -5.11 -5.52
C PRO A 487 1.51 -3.94 -6.29
N ILE A 488 1.71 -2.75 -5.73
CA ILE A 488 1.36 -1.48 -6.39
C ILE A 488 2.62 -0.63 -6.39
N TYR A 489 3.21 -0.43 -7.56
CA TYR A 489 4.50 0.22 -7.68
C TYR A 489 4.34 1.74 -7.60
N ASN A 490 5.46 2.45 -7.75
CA ASN A 490 5.48 3.90 -7.69
C ASN A 490 6.70 4.39 -8.45
N TYR A 491 7.05 5.67 -8.26
CA TYR A 491 8.25 6.24 -8.84
C TYR A 491 9.47 5.48 -8.35
N SER A 492 10.43 5.28 -9.25
CA SER A 492 11.68 4.57 -9.01
C SER A 492 11.49 3.07 -8.76
N GLY A 493 10.31 2.54 -9.01
CA GLY A 493 10.08 1.11 -8.96
C GLY A 493 10.21 0.50 -7.58
N GLU A 494 9.30 0.84 -6.68
CA GLU A 494 9.27 0.26 -5.34
C GLU A 494 7.82 -0.03 -4.97
N ALA A 495 7.63 -1.01 -4.08
CA ALA A 495 6.30 -1.44 -3.66
C ALA A 495 5.97 -0.73 -2.34
N TYR A 496 5.13 0.28 -2.41
CA TYR A 496 4.69 1.01 -1.23
C TYR A 496 3.27 0.70 -0.82
N ALA A 497 2.58 -0.19 -1.55
CA ALA A 497 1.23 -0.59 -1.19
C ALA A 497 0.98 -1.97 -1.79
N CYS A 498 -0.06 -2.63 -1.28
CA CYS A 498 -0.41 -3.96 -1.74
C CYS A 498 -1.93 -4.09 -1.85
N ARG A 499 -2.37 -5.03 -2.68
CA ARG A 499 -3.77 -5.31 -2.89
C ARG A 499 -4.01 -6.81 -2.82
N VAL A 500 -5.23 -7.17 -2.43
CA VAL A 500 -5.64 -8.57 -2.28
C VAL A 500 -6.60 -8.92 -3.40
N HIS A 501 -6.42 -10.10 -3.98
CA HIS A 501 -7.29 -10.53 -5.07
C HIS A 501 -8.69 -10.81 -4.55
N ASP A 502 -9.65 -10.82 -5.49
CA ASP A 502 -11.05 -10.97 -5.10
C ASP A 502 -11.33 -12.35 -4.55
N MET A 503 -10.89 -13.40 -5.25
CA MET A 503 -11.19 -14.76 -4.80
C MET A 503 -10.38 -15.14 -3.58
N VAL A 504 -9.14 -14.64 -3.49
CA VAL A 504 -8.32 -14.93 -2.32
C VAL A 504 -8.93 -14.33 -1.07
N LEU A 505 -9.65 -13.22 -1.21
CA LEU A 505 -10.34 -12.64 -0.06
C LEU A 505 -11.40 -13.60 0.48
N ASP A 506 -12.08 -14.32 -0.41
CA ASP A 506 -13.07 -15.30 0.02
C ASP A 506 -12.41 -16.43 0.81
N LEU A 507 -11.24 -16.90 0.36
CA LEU A 507 -10.56 -17.98 1.06
C LEU A 507 -10.13 -17.55 2.45
N ILE A 508 -9.62 -16.32 2.59
CA ILE A 508 -9.18 -15.84 3.89
C ILE A 508 -10.38 -15.70 4.84
N CYS A 509 -11.49 -15.16 4.33
CA CYS A 509 -12.64 -14.91 5.19
C CYS A 509 -13.24 -16.20 5.73
N ASN A 510 -13.41 -17.21 4.87
CA ASN A 510 -13.98 -18.48 5.32
C ASN A 510 -13.04 -19.17 6.30
N LEU A 511 -11.74 -19.18 6.01
CA LEU A 511 -10.78 -19.79 6.92
C LEU A 511 -10.67 -19.04 8.23
N SER A 512 -10.85 -17.72 8.22
CA SER A 512 -10.77 -16.93 9.44
C SER A 512 -11.99 -17.10 10.33
N ASN A 513 -13.18 -17.16 9.74
CA ASN A 513 -14.39 -17.32 10.54
C ASN A 513 -14.59 -18.75 11.03
N GLU A 514 -13.86 -19.72 10.47
CA GLU A 514 -13.95 -21.07 10.98
C GLU A 514 -13.21 -21.21 12.31
N ALA A 515 -12.06 -20.57 12.44
CA ALA A 515 -11.28 -20.61 13.67
C ALA A 515 -11.57 -19.43 14.59
N LYS A 516 -12.50 -18.55 14.21
CA LYS A 516 -12.91 -17.42 15.05
C LYS A 516 -11.73 -16.52 15.42
N PHE A 517 -10.80 -16.36 14.47
CA PHE A 517 -9.61 -15.56 14.74
C PHE A 517 -9.92 -14.07 14.77
N VAL A 518 -10.72 -13.60 13.81
CA VAL A 518 -11.10 -12.19 13.71
C VAL A 518 -12.60 -12.11 13.46
N ASN A 519 -13.26 -11.18 14.12
CA ASN A 519 -14.69 -10.95 13.95
C ASN A 519 -14.91 -9.67 13.16
N LEU A 520 -15.78 -9.75 12.14
CA LEU A 520 -16.10 -8.62 11.28
C LEU A 520 -17.55 -8.24 11.52
N LEU A 521 -17.78 -7.00 11.95
CA LEU A 521 -19.14 -6.51 12.18
C LEU A 521 -19.67 -5.92 10.88
N ASP A 522 -20.81 -6.44 10.41
CA ASP A 522 -21.43 -5.94 9.20
C ASP A 522 -22.01 -4.54 9.39
N GLY A 523 -22.37 -4.17 10.62
CA GLY A 523 -22.97 -2.88 10.89
C GLY A 523 -24.08 -2.93 11.91
N THR A 524 -24.38 -4.13 12.39
CA THR A 524 -25.42 -4.32 13.40
C THR A 524 -24.94 -5.12 14.61
N GLY A 525 -23.69 -5.53 14.64
CA GLY A 525 -23.16 -6.31 15.76
C GLY A 525 -23.31 -7.80 15.56
N ASN A 526 -22.54 -8.54 16.35
CA ASN A 526 -22.55 -10.00 16.31
C ASN A 526 -22.89 -10.55 17.69
N SER A 527 -23.79 -11.53 17.73
CA SER A 527 -24.19 -12.17 18.99
C SER A 527 -23.21 -13.28 19.34
N MET A 528 -22.02 -12.86 19.75
CA MET A 528 -20.94 -13.78 20.12
C MET A 528 -20.64 -13.60 21.60
N SER A 529 -20.77 -14.69 22.36
CA SER A 529 -20.51 -14.66 23.79
C SER A 529 -20.19 -16.06 24.26
N SER A 530 -19.59 -16.14 25.46
CA SER A 530 -19.22 -17.40 26.09
C SER A 530 -18.36 -18.26 25.17
N GLN A 531 -18.96 -19.27 24.55
CA GLN A 531 -18.20 -20.15 23.65
C GLN A 531 -17.70 -19.38 22.43
N SER A 532 -18.52 -18.49 21.88
CA SER A 532 -18.12 -17.67 20.73
C SER A 532 -17.36 -16.46 21.26
N ASN A 533 -16.10 -16.71 21.60
CA ASN A 533 -15.27 -15.68 22.22
C ASN A 533 -14.97 -14.55 21.23
N CYS A 534 -15.01 -13.32 21.74
CA CYS A 534 -14.62 -12.13 20.98
C CYS A 534 -13.18 -11.79 21.36
N ARG A 535 -12.26 -12.01 20.42
CA ARG A 535 -10.84 -11.84 20.67
C ARG A 535 -10.25 -10.63 19.95
N ARG A 536 -10.41 -10.57 18.63
CA ARG A 536 -9.97 -9.44 17.83
C ARG A 536 -11.13 -8.97 16.97
N LEU A 537 -11.47 -7.69 17.07
CA LEU A 537 -12.64 -7.14 16.40
C LEU A 537 -12.21 -6.10 15.37
N SER A 538 -12.82 -6.16 14.20
CA SER A 538 -12.66 -5.15 13.16
C SER A 538 -14.03 -4.56 12.84
N LEU A 539 -14.14 -3.24 12.88
CA LEU A 539 -15.42 -2.55 12.77
C LEU A 539 -15.44 -1.75 11.47
N GLN A 540 -16.28 -2.19 10.53
CA GLN A 540 -16.48 -1.50 9.25
C GLN A 540 -17.97 -1.48 8.96
N LYS A 541 -18.54 -0.29 8.88
CA LYS A 541 -19.98 -0.12 8.73
C LYS A 541 -20.47 -0.56 7.37
N LYS A 555 -22.08 -5.91 28.55
CA LYS A 555 -20.79 -6.14 29.19
C LYS A 555 -20.11 -7.39 28.63
N SER A 556 -19.28 -8.01 29.45
CA SER A 556 -18.60 -9.27 29.13
C SER A 556 -17.69 -9.17 27.92
N MET A 557 -17.26 -7.96 27.55
CA MET A 557 -16.30 -7.77 26.48
C MET A 557 -14.91 -7.43 27.02
N SER A 558 -14.65 -7.71 28.28
CA SER A 558 -13.36 -7.39 28.88
C SER A 558 -12.23 -8.25 28.33
N ARG A 559 -12.54 -9.31 27.59
CA ARG A 559 -11.52 -10.20 27.05
C ARG A 559 -11.02 -9.75 25.68
N VAL A 560 -11.53 -8.64 25.14
CA VAL A 560 -11.06 -8.16 23.85
C VAL A 560 -9.62 -7.66 23.99
N ARG A 561 -8.84 -7.86 22.93
CA ARG A 561 -7.44 -7.43 22.93
C ARG A 561 -7.02 -6.73 21.65
N SER A 562 -7.95 -6.45 20.74
CA SER A 562 -7.62 -5.71 19.53
C SER A 562 -8.91 -5.14 18.95
N ILE A 563 -9.00 -3.81 18.89
CA ILE A 563 -10.17 -3.12 18.35
C ILE A 563 -9.69 -2.18 17.26
N THR A 564 -10.38 -2.20 16.11
CA THR A 564 -10.06 -1.36 14.97
C THR A 564 -11.32 -0.72 14.45
N ILE A 565 -11.28 0.58 14.19
CA ILE A 565 -12.42 1.35 13.72
C ILE A 565 -12.02 2.12 12.47
N PHE A 566 -12.86 2.06 11.43
CA PHE A 566 -12.71 2.77 10.18
C PHE A 566 -13.57 4.02 10.16
N PRO A 567 -13.22 5.05 9.35
CA PRO A 567 -13.88 6.35 9.44
C PRO A 567 -15.28 6.40 8.81
N SER A 568 -16.09 5.39 9.13
CA SER A 568 -17.48 5.41 8.74
C SER A 568 -18.42 4.90 9.82
N ALA A 569 -17.91 4.46 10.97
CA ALA A 569 -18.72 3.89 12.03
C ALA A 569 -18.36 4.49 13.39
N ILE A 570 -17.95 5.76 13.40
CA ILE A 570 -17.62 6.43 14.66
C ILE A 570 -18.86 6.56 15.53
N GLU A 571 -20.03 6.75 14.92
CA GLU A 571 -21.26 6.94 15.68
C GLU A 571 -21.66 5.71 16.49
N VAL A 572 -21.06 4.56 16.23
CA VAL A 572 -21.37 3.33 16.97
C VAL A 572 -20.07 2.87 17.62
N MET A 573 -19.84 3.28 18.86
CA MET A 573 -18.68 2.85 19.64
C MET A 573 -18.91 3.20 21.10
N PRO A 574 -18.47 2.37 22.04
CA PRO A 574 -18.62 2.69 23.45
C PRO A 574 -17.47 3.56 23.95
N SER A 575 -17.57 3.96 25.22
CA SER A 575 -16.54 4.78 25.83
C SER A 575 -15.27 3.98 26.05
N LEU A 576 -14.18 4.70 26.31
CA LEU A 576 -12.87 4.08 26.47
C LEU A 576 -12.64 3.49 27.85
N SER A 577 -13.52 3.78 28.82
CA SER A 577 -13.28 3.33 30.19
C SER A 577 -13.37 1.81 30.32
N ARG A 578 -14.31 1.19 29.61
CA ARG A 578 -14.64 -0.22 29.81
C ARG A 578 -13.69 -1.13 29.02
N PHE A 579 -12.41 -1.09 29.40
CA PHE A 579 -11.39 -1.93 28.80
C PHE A 579 -10.31 -2.19 29.83
N ASP A 580 -9.77 -3.41 29.84
CA ASP A 580 -8.74 -3.76 30.81
C ASP A 580 -7.56 -4.56 30.29
N VAL A 581 -7.65 -5.19 29.10
CA VAL A 581 -6.56 -6.03 28.61
C VAL A 581 -6.24 -5.62 27.18
N LEU A 582 -6.76 -4.47 26.76
CA LEU A 582 -6.63 -4.05 25.37
C LEU A 582 -5.16 -3.87 25.00
N ARG A 583 -4.85 -4.21 23.74
CA ARG A 583 -3.49 -4.14 23.23
C ARG A 583 -3.34 -3.17 22.08
N VAL A 584 -4.21 -3.24 21.07
CA VAL A 584 -4.12 -2.42 19.88
C VAL A 584 -5.40 -1.59 19.76
N LEU A 585 -5.24 -0.27 19.65
CA LEU A 585 -6.34 0.64 19.43
C LEU A 585 -6.00 1.54 18.26
N ASP A 586 -6.75 1.42 17.17
CA ASP A 586 -6.49 2.16 15.94
C ASP A 586 -7.68 3.07 15.62
N LEU A 587 -7.40 4.33 15.38
CA LEU A 587 -8.42 5.32 15.00
C LEU A 587 -7.92 6.20 13.87
N SER A 588 -7.22 5.59 12.91
CA SER A 588 -6.65 6.34 11.80
C SER A 588 -7.76 6.91 10.93
N ARG A 589 -7.56 8.16 10.49
CA ARG A 589 -8.45 8.87 9.57
C ARG A 589 -9.84 9.09 10.15
N CYS A 590 -10.05 8.74 11.41
CA CYS A 590 -11.38 8.79 12.01
C CYS A 590 -11.71 10.23 12.39
N ASN A 591 -12.79 10.40 13.16
CA ASN A 591 -13.22 11.72 13.60
C ASN A 591 -13.22 11.80 15.12
N LEU A 592 -12.17 11.26 15.75
CA LEU A 592 -12.00 11.41 17.18
C LEU A 592 -11.86 12.89 17.54
N GLY A 593 -10.76 13.49 17.09
CA GLY A 593 -10.56 14.93 17.08
C GLY A 593 -11.07 15.71 18.27
N GLU A 594 -11.63 16.89 17.99
CA GLU A 594 -12.30 17.74 18.96
C GLU A 594 -13.59 18.28 18.37
N ASN A 595 -14.31 17.44 17.64
CA ASN A 595 -15.52 17.85 16.93
C ASN A 595 -16.55 16.74 17.08
N SER A 596 -17.59 16.80 16.24
CA SER A 596 -18.72 15.87 16.27
C SER A 596 -19.45 15.93 17.60
N SER A 597 -20.30 14.95 17.88
CA SER A 597 -21.10 14.91 19.10
C SER A 597 -21.03 13.53 19.74
N MET A 598 -19.81 13.00 19.85
CA MET A 598 -19.60 11.68 20.44
C MET A 598 -18.97 11.74 21.82
N GLN A 599 -18.51 12.91 22.26
CA GLN A 599 -17.80 13.07 23.54
C GLN A 599 -16.60 12.12 23.59
N LEU A 600 -15.72 12.29 22.61
CA LEU A 600 -14.60 11.38 22.39
C LEU A 600 -13.29 11.92 22.95
N ASN A 601 -13.34 12.63 24.07
CA ASN A 601 -12.12 13.13 24.69
C ASN A 601 -11.24 11.97 25.16
N LEU A 602 -9.93 12.18 25.09
CA LEU A 602 -8.98 11.15 25.51
C LEU A 602 -8.96 10.93 27.01
N LYS A 603 -9.63 11.78 27.79
CA LYS A 603 -9.68 11.59 29.23
C LYS A 603 -10.29 10.24 29.56
N GLY A 604 -9.65 9.52 30.47
CA GLY A 604 -10.02 8.16 30.79
C GLY A 604 -9.14 7.10 30.16
N VAL A 605 -8.04 7.50 29.51
CA VAL A 605 -7.11 6.54 28.92
C VAL A 605 -6.21 5.88 29.97
N GLY A 606 -6.35 6.26 31.24
CA GLY A 606 -5.44 5.74 32.25
C GLY A 606 -5.56 4.25 32.45
N HIS A 607 -6.78 3.72 32.49
CA HIS A 607 -6.97 2.29 32.73
C HIS A 607 -6.77 1.49 31.46
N LEU A 608 -5.63 1.67 30.80
CA LEU A 608 -5.30 0.93 29.59
C LEU A 608 -3.84 0.53 29.61
N THR A 609 -3.39 0.02 30.76
CA THR A 609 -1.96 -0.21 30.96
C THR A 609 -1.51 -1.51 30.32
N HIS A 610 -1.90 -1.73 29.05
CA HIS A 610 -1.35 -2.82 28.26
C HIS A 610 -1.17 -2.46 26.79
N LEU A 611 -1.42 -1.21 26.41
CA LEU A 611 -1.49 -0.86 24.99
C LEU A 611 -0.12 -0.99 24.32
N ARG A 612 -0.16 -1.36 23.04
CA ARG A 612 1.05 -1.46 22.23
C ARG A 612 0.96 -0.68 20.92
N TYR A 613 -0.20 -0.10 20.58
CA TYR A 613 -0.36 0.67 19.35
C TYR A 613 -1.47 1.69 19.60
N LEU A 614 -1.08 2.94 19.76
CA LEU A 614 -2.03 4.05 19.92
C LEU A 614 -1.87 4.95 18.70
N GLY A 615 -2.60 4.62 17.63
CA GLY A 615 -2.46 5.35 16.40
C GLY A 615 -3.53 6.40 16.17
N LEU A 616 -3.20 7.65 16.49
CA LEU A 616 -4.05 8.80 16.18
C LEU A 616 -3.49 9.45 14.92
N GLU A 617 -3.77 8.82 13.78
CA GLU A 617 -3.10 9.18 12.53
C GLU A 617 -3.54 10.55 12.03
N GLY A 618 -4.85 10.82 12.01
CA GLY A 618 -5.32 12.02 11.36
C GLY A 618 -6.45 12.77 12.03
N THR A 619 -6.60 12.64 13.34
CA THR A 619 -7.66 13.34 14.05
C THR A 619 -7.15 14.69 14.56
N ASN A 620 -8.07 15.66 14.62
CA ASN A 620 -7.73 17.01 15.06
C ASN A 620 -7.63 17.00 16.59
N ILE A 621 -6.48 16.54 17.08
CA ILE A 621 -6.26 16.40 18.52
C ILE A 621 -6.01 17.79 19.11
N SER A 622 -6.70 18.11 20.20
CA SER A 622 -6.48 19.38 20.86
C SER A 622 -5.26 19.33 21.77
N LYS A 623 -5.31 18.48 22.80
CA LYS A 623 -4.22 18.34 23.75
C LYS A 623 -4.05 16.88 24.12
N LEU A 624 -2.81 16.42 24.15
CA LEU A 624 -2.53 15.06 24.63
C LEU A 624 -2.84 14.97 26.12
N PRO A 625 -3.51 13.91 26.57
CA PRO A 625 -3.83 13.79 27.99
C PRO A 625 -2.57 13.73 28.84
N ALA A 626 -2.68 14.30 30.05
CA ALA A 626 -1.53 14.34 30.95
C ALA A 626 -1.13 12.97 31.46
N GLU A 627 -2.05 12.00 31.46
CA GLU A 627 -1.78 10.67 31.98
C GLU A 627 -1.26 9.70 30.92
N ILE A 628 -0.97 10.19 29.72
CA ILE A 628 -0.52 9.31 28.65
C ILE A 628 0.80 8.64 29.01
N GLY A 629 1.60 9.27 29.86
CA GLY A 629 2.87 8.69 30.26
C GLY A 629 2.75 7.56 31.26
N LYS A 630 1.56 7.34 31.81
CA LYS A 630 1.36 6.28 32.79
C LYS A 630 1.34 4.90 32.14
N LEU A 631 1.30 4.82 30.81
CA LEU A 631 1.24 3.55 30.09
C LEU A 631 2.64 3.22 29.62
N GLN A 632 3.40 2.55 30.49
CA GLN A 632 4.83 2.30 30.28
C GLN A 632 5.00 0.99 29.51
N PHE A 633 4.22 0.84 28.44
CA PHE A 633 4.37 -0.34 27.59
C PHE A 633 4.25 -0.06 26.11
N LEU A 634 4.12 1.19 25.68
CA LEU A 634 3.90 1.48 24.28
C LEU A 634 5.15 1.18 23.44
N GLU A 635 4.91 0.71 22.22
CA GLU A 635 5.98 0.49 21.26
C GLU A 635 5.91 1.42 20.05
N VAL A 636 4.72 1.88 19.69
CA VAL A 636 4.52 2.75 18.52
C VAL A 636 3.52 3.83 18.87
N LEU A 637 3.76 5.04 18.37
CA LEU A 637 2.87 6.18 18.61
C LEU A 637 2.93 7.05 17.37
N ASP A 638 1.86 7.04 16.58
CA ASP A 638 1.82 7.67 15.26
C ASP A 638 0.84 8.84 15.28
N LEU A 639 1.36 10.05 15.44
CA LEU A 639 0.59 11.28 15.24
C LEU A 639 0.99 11.85 13.88
N GLU A 640 0.37 11.31 12.82
CA GLU A 640 0.83 11.59 11.47
C GLU A 640 0.46 13.00 11.01
N ASN A 641 -0.61 13.58 11.54
CA ASN A 641 -1.04 14.90 11.10
C ASN A 641 -1.94 15.52 12.15
N ASN A 642 -1.50 16.63 12.74
CA ASN A 642 -2.33 17.36 13.68
C ASN A 642 -1.80 18.79 13.72
N HIS A 643 -2.56 19.73 13.16
CA HIS A 643 -2.05 21.10 13.01
C HIS A 643 -2.05 21.85 14.34
N ASN A 644 -3.06 21.63 15.18
CA ASN A 644 -3.19 22.40 16.42
C ASN A 644 -2.41 21.81 17.59
N LEU A 645 -1.77 20.66 17.42
CA LEU A 645 -0.90 20.13 18.46
C LEU A 645 0.32 21.03 18.60
N LYS A 646 0.66 21.39 19.84
CA LYS A 646 1.72 22.36 20.06
C LYS A 646 2.79 21.87 21.03
N GLU A 647 2.42 21.03 21.99
CA GLU A 647 3.37 20.61 23.01
C GLU A 647 3.10 19.18 23.43
N LEU A 648 4.17 18.44 23.70
CA LEU A 648 4.07 17.13 24.33
C LEU A 648 3.88 17.30 25.83
N PRO A 649 3.17 16.37 26.48
CA PRO A 649 2.99 16.47 27.93
C PRO A 649 4.31 16.28 28.66
N SER A 650 4.42 16.94 29.81
CA SER A 650 5.66 16.87 30.57
C SER A 650 5.70 15.61 31.43
N THR A 651 5.42 14.47 30.81
CA THR A 651 5.52 13.18 31.50
C THR A 651 6.09 12.09 30.61
N VAL A 652 6.59 12.43 29.41
CA VAL A 652 7.08 11.40 28.48
C VAL A 652 8.56 11.20 28.82
N CYS A 653 8.78 10.39 29.86
CA CYS A 653 10.13 9.95 30.21
C CYS A 653 10.17 8.49 30.62
N ASN A 654 9.02 7.85 30.83
CA ASN A 654 8.96 6.44 31.18
C ASN A 654 8.85 5.53 29.95
N PHE A 655 8.63 6.10 28.77
CA PHE A 655 8.52 5.29 27.56
C PHE A 655 9.89 4.77 27.16
N ARG A 656 10.28 3.61 27.67
CA ARG A 656 11.56 3.01 27.32
C ARG A 656 11.39 1.76 26.46
N ARG A 657 10.22 1.60 25.83
CA ARG A 657 9.94 0.41 25.02
C ARG A 657 9.34 0.77 23.67
N LEU A 658 9.49 2.01 23.20
CA LEU A 658 8.87 2.44 21.96
C LEU A 658 9.91 2.55 20.86
N ILE A 659 9.46 2.35 19.62
CA ILE A 659 10.33 2.29 18.47
C ILE A 659 9.94 3.35 17.45
N TYR A 660 8.66 3.72 17.45
CA TYR A 660 8.10 4.62 16.45
C TYR A 660 7.64 5.92 17.10
N LEU A 661 7.95 7.04 16.44
CA LEU A 661 7.48 8.35 16.90
C LEU A 661 7.45 9.27 15.68
N ASN A 662 6.25 9.48 15.13
CA ASN A 662 6.06 10.28 13.92
C ASN A 662 5.33 11.56 14.28
N LEU A 663 5.91 12.70 13.90
CA LEU A 663 5.40 14.00 14.31
C LEU A 663 5.25 14.97 13.14
N VAL A 664 5.30 14.46 11.90
CA VAL A 664 5.21 15.32 10.73
C VAL A 664 3.83 15.99 10.69
N GLY A 665 3.79 17.20 10.13
CA GLY A 665 2.55 17.93 10.02
C GLY A 665 2.06 18.55 11.31
N CYS A 666 2.86 18.51 12.37
CA CYS A 666 2.50 19.07 13.66
C CYS A 666 3.60 20.02 14.10
N GLN A 667 3.21 21.24 14.48
CA GLN A 667 4.16 22.23 14.96
C GLN A 667 4.24 22.11 16.48
N VAL A 668 5.18 21.29 16.94
CA VAL A 668 5.38 21.03 18.36
C VAL A 668 6.84 21.32 18.71
N VAL A 669 7.04 22.02 19.82
CA VAL A 669 8.37 22.31 20.33
C VAL A 669 8.69 21.29 21.42
N PRO A 670 9.79 20.55 21.31
CA PRO A 670 10.11 19.53 22.31
C PRO A 670 10.50 20.18 23.63
N PRO A 671 10.01 19.65 24.76
CA PRO A 671 10.40 20.18 26.05
C PRO A 671 11.86 19.89 26.37
N VAL A 672 12.39 20.68 27.30
CA VAL A 672 13.79 20.54 27.70
C VAL A 672 13.94 19.33 28.62
N GLY A 673 14.91 18.48 28.32
CA GLY A 673 15.21 17.32 29.15
C GLY A 673 14.08 16.32 29.26
N VAL A 674 13.50 15.93 28.12
CA VAL A 674 12.38 15.00 28.11
C VAL A 674 12.66 13.88 27.11
N LEU A 675 13.73 14.05 26.33
CA LEU A 675 14.04 13.15 25.22
C LEU A 675 15.27 12.29 25.48
N GLN A 676 16.02 12.56 26.54
CA GLN A 676 17.29 11.85 26.75
C GLN A 676 17.08 10.39 27.12
N ASN A 677 16.16 10.11 28.04
CA ASN A 677 15.94 8.76 28.56
C ASN A 677 14.95 7.97 27.73
N LEU A 678 14.81 8.30 26.45
CA LEU A 678 13.87 7.63 25.55
C LEU A 678 14.61 6.60 24.69
N THR A 679 15.60 5.95 25.29
CA THR A 679 16.62 5.18 24.56
C THR A 679 16.07 3.84 24.06
N SER A 680 15.05 3.91 23.22
CA SER A 680 14.58 2.74 22.49
C SER A 680 14.22 3.07 21.04
N ILE A 681 14.46 4.30 20.59
CA ILE A 681 13.97 4.74 19.29
C ILE A 681 14.75 4.08 18.16
N GLU A 682 14.06 3.81 17.06
CA GLU A 682 14.70 3.48 15.80
C GLU A 682 14.26 4.38 14.65
N VAL A 683 13.22 5.19 14.84
CA VAL A 683 12.75 6.11 13.81
C VAL A 683 12.15 7.33 14.49
N LEU A 684 12.49 8.51 13.98
CA LEU A 684 12.01 9.79 14.52
C LEU A 684 11.78 10.73 13.36
N SER A 685 10.54 11.21 13.21
CA SER A 685 10.15 12.00 12.03
C SER A 685 9.47 13.28 12.48
N GLY A 686 10.21 14.38 12.48
CA GLY A 686 9.67 15.70 12.71
C GLY A 686 9.91 16.24 14.11
N ILE A 687 10.96 17.07 14.25
CA ILE A 687 11.30 17.74 15.49
C ILE A 687 11.94 19.08 15.14
N LEU A 688 12.18 19.90 16.15
CA LEU A 688 12.86 21.18 15.99
C LEU A 688 14.09 21.22 16.90
N VAL A 689 14.79 22.35 16.87
CA VAL A 689 16.00 22.55 17.68
C VAL A 689 15.96 23.96 18.27
N SER A 690 16.28 24.09 19.56
CA SER A 690 16.30 25.41 20.19
C SER A 690 17.70 25.81 20.66
N LEU A 691 18.28 25.13 21.65
CA LEU A 691 19.60 25.54 22.11
C LEU A 691 20.63 24.42 22.15
N ASN A 692 20.30 23.32 22.82
CA ASN A 692 21.24 22.22 23.00
C ASN A 692 20.58 20.85 22.91
N ILE A 693 19.27 20.78 22.66
CA ILE A 693 18.58 19.51 22.51
C ILE A 693 19.20 18.68 21.38
N ILE A 694 19.86 19.34 20.43
CA ILE A 694 20.50 18.64 19.33
C ILE A 694 21.85 18.04 19.72
N ALA A 695 22.37 18.39 20.89
CA ALA A 695 23.64 17.83 21.34
C ALA A 695 23.56 17.17 22.69
N GLN A 696 22.80 17.73 23.63
CA GLN A 696 22.74 17.16 24.97
C GLN A 696 22.03 15.81 24.97
N GLU A 697 20.97 15.67 24.19
CA GLU A 697 20.13 14.47 24.19
C GLU A 697 19.87 14.00 22.77
N LEU A 698 20.92 13.90 21.97
CA LEU A 698 20.79 13.34 20.63
C LEU A 698 21.75 12.18 20.39
N GLY A 699 22.97 12.24 20.93
CA GLY A 699 23.93 11.18 20.72
C GLY A 699 23.71 9.95 21.58
N ASN A 700 22.88 10.06 22.61
CA ASN A 700 22.62 8.90 23.47
C ASN A 700 21.79 7.84 22.75
N LEU A 701 20.92 8.26 21.83
CA LEU A 701 20.08 7.31 21.11
C LEU A 701 20.92 6.55 20.09
N LYS A 702 21.44 5.39 20.49
CA LYS A 702 22.32 4.62 19.62
C LYS A 702 21.57 3.70 18.67
N ARG A 703 20.26 3.52 18.87
CA ARG A 703 19.48 2.61 18.05
C ARG A 703 18.71 3.32 16.94
N LEU A 704 18.90 4.63 16.78
CA LEU A 704 18.15 5.39 15.79
C LEU A 704 18.60 5.00 14.38
N ARG A 705 17.64 4.75 13.50
CA ARG A 705 17.90 4.35 12.12
C ARG A 705 17.44 5.39 11.10
N GLU A 706 16.30 6.04 11.34
CA GLU A 706 15.78 7.06 10.44
C GLU A 706 15.59 8.36 11.20
N LEU A 707 15.95 9.48 10.57
CA LEU A 707 15.90 10.78 11.20
C LEU A 707 15.28 11.78 10.24
N ASN A 708 14.31 12.56 10.73
CA ASN A 708 13.69 13.62 9.96
C ASN A 708 13.57 14.84 10.86
N ILE A 709 14.27 15.92 10.52
CA ILE A 709 14.40 17.07 11.39
C ILE A 709 14.11 18.34 10.59
N LEU A 710 13.70 19.37 11.32
CA LEU A 710 13.44 20.68 10.74
C LEU A 710 14.15 21.74 11.57
N PHE A 711 14.92 22.60 10.89
CA PHE A 711 15.69 23.64 11.55
C PHE A 711 14.98 24.98 11.43
N ASN A 712 14.89 25.71 12.55
CA ASN A 712 14.22 27.01 12.55
C ASN A 712 15.21 28.15 12.33
N ASP A 713 16.20 28.28 13.20
CA ASP A 713 17.23 29.31 13.11
C ASP A 713 18.56 28.67 12.76
N GLY A 714 19.60 29.50 12.70
CA GLY A 714 20.91 29.00 12.34
C GLY A 714 22.07 29.80 12.92
N SER A 715 23.01 29.10 13.54
CA SER A 715 24.22 29.73 14.05
C SER A 715 25.27 28.64 14.25
N LEU A 716 26.52 29.06 14.40
CA LEU A 716 27.62 28.11 14.52
C LEU A 716 27.58 27.34 15.84
N ASP A 717 26.91 27.88 16.86
CA ASP A 717 26.81 27.17 18.13
C ASP A 717 25.73 26.11 18.13
N LEU A 718 24.97 25.99 17.05
CA LEU A 718 23.93 24.97 16.90
C LEU A 718 24.33 23.88 15.92
N TYR A 719 24.93 24.24 14.79
CA TYR A 719 25.35 23.23 13.82
C TYR A 719 26.47 22.36 14.38
N GLU A 720 27.35 22.95 15.20
CA GLU A 720 28.45 22.18 15.78
C GLU A 720 27.94 21.09 16.70
N GLY A 721 26.89 21.39 17.48
CA GLY A 721 26.31 20.36 18.33
C GLY A 721 25.65 19.25 17.54
N PHE A 722 24.98 19.60 16.44
CA PHE A 722 24.32 18.59 15.61
C PHE A 722 25.33 17.63 14.99
N VAL A 723 26.45 18.15 14.50
CA VAL A 723 27.43 17.31 13.83
C VAL A 723 28.09 16.36 14.81
N LYS A 724 28.43 16.84 16.01
CA LYS A 724 29.12 16.00 16.99
C LYS A 724 28.26 14.82 17.41
N SER A 725 26.96 15.06 17.65
CA SER A 725 26.07 13.98 18.06
C SER A 725 25.90 12.95 16.94
N LEU A 726 25.81 13.42 15.69
CA LEU A 726 25.59 12.52 14.57
C LEU A 726 26.75 11.55 14.35
N CYS A 727 27.95 11.89 14.85
CA CYS A 727 29.08 10.99 14.73
C CYS A 727 28.94 9.75 15.60
N ASN A 728 28.17 9.83 16.68
CA ASN A 728 27.98 8.68 17.58
C ASN A 728 26.86 7.76 17.15
N LEU A 729 26.09 8.12 16.13
CA LEU A 729 25.00 7.28 15.63
C LEU A 729 25.56 6.42 14.51
N HIS A 730 26.03 5.22 14.86
CA HIS A 730 26.66 4.32 13.90
C HIS A 730 25.67 3.46 13.14
N HIS A 731 24.37 3.58 13.42
CA HIS A 731 23.36 2.72 12.82
C HIS A 731 22.26 3.56 12.17
N ILE A 732 22.67 4.58 11.43
CA ILE A 732 21.74 5.47 10.74
C ILE A 732 21.81 5.18 9.25
N GLU A 733 20.64 5.11 8.61
CA GLU A 733 20.55 4.82 7.18
C GLU A 733 19.67 5.79 6.41
N SER A 734 18.90 6.65 7.07
CA SER A 734 18.08 7.65 6.40
C SER A 734 18.26 8.99 7.08
N LEU A 735 18.39 10.05 6.28
CA LEU A 735 18.58 11.39 6.81
C LEU A 735 17.84 12.40 5.93
N ILE A 736 17.06 13.27 6.56
CA ILE A 736 16.34 14.33 5.87
C ILE A 736 16.49 15.61 6.66
N ILE A 737 16.88 16.69 5.98
CA ILE A 737 17.11 17.98 6.61
C ILE A 737 16.32 19.04 5.84
N GLY A 738 15.77 19.99 6.58
CA GLY A 738 15.02 21.06 5.96
C GLY A 738 15.18 22.36 6.72
N CYS A 739 14.70 23.43 6.10
CA CYS A 739 14.75 24.76 6.69
C CYS A 739 13.36 25.37 6.69
N ASN A 740 13.10 26.21 7.69
CA ASN A 740 11.80 26.86 7.84
C ASN A 740 11.85 28.37 7.63
N SER A 741 12.94 29.03 8.02
CA SER A 741 13.04 30.47 7.85
C SER A 741 13.14 30.84 6.37
N ARG A 742 12.55 31.99 6.03
CA ARG A 742 12.58 32.46 4.64
C ARG A 742 14.00 32.74 4.19
N GLU A 743 14.79 33.38 5.03
CA GLU A 743 16.18 33.68 4.68
C GLU A 743 17.04 32.45 4.88
N THR A 744 17.85 32.13 3.86
CA THR A 744 18.73 30.96 3.89
C THR A 744 20.09 31.30 3.31
N SER A 745 20.61 32.47 3.67
CA SER A 745 21.91 32.91 3.14
C SER A 745 23.07 32.12 3.70
N SER A 746 22.86 31.32 4.74
CA SER A 746 23.94 30.60 5.38
C SER A 746 24.31 29.33 4.60
N PHE A 747 25.61 29.08 4.49
CA PHE A 747 26.13 27.84 3.90
C PHE A 747 26.81 26.98 4.95
N GLU A 748 26.54 27.23 6.23
CA GLU A 748 27.34 26.64 7.29
C GLU A 748 27.03 25.15 7.49
N LEU A 749 25.75 24.78 7.46
CA LEU A 749 25.36 23.43 7.86
C LEU A 749 25.95 22.37 6.92
N MET A 750 25.86 22.60 5.61
CA MET A 750 26.28 21.58 4.67
C MET A 750 27.80 21.43 4.64
N ASP A 751 28.52 22.55 4.71
CA ASP A 751 29.98 22.46 4.65
C ASP A 751 30.54 21.77 5.89
N LEU A 752 29.94 22.01 7.06
CA LEU A 752 30.42 21.39 8.28
C LEU A 752 30.19 19.87 8.27
N LEU A 753 29.06 19.44 7.70
CA LEU A 753 28.75 18.01 7.67
C LEU A 753 29.72 17.25 6.78
N GLY A 754 30.20 17.86 5.70
CA GLY A 754 31.05 17.16 4.76
C GLY A 754 32.48 16.97 5.19
N GLU A 755 32.93 17.65 6.23
CA GLU A 755 34.33 17.60 6.63
C GLU A 755 34.63 16.57 7.71
N ARG A 756 33.69 16.32 8.63
CA ARG A 756 33.91 15.42 9.76
C ARG A 756 33.18 14.10 9.60
N TRP A 757 31.87 14.14 9.37
CA TRP A 757 31.06 12.93 9.39
C TRP A 757 31.42 12.01 8.24
N VAL A 758 31.36 10.70 8.50
CA VAL A 758 31.53 9.66 7.49
C VAL A 758 30.26 8.83 7.49
N PRO A 759 29.68 8.54 6.32
CA PRO A 759 28.44 7.75 6.31
C PRO A 759 28.71 6.32 6.74
N PRO A 760 27.71 5.64 7.30
CA PRO A 760 27.88 4.22 7.65
C PRO A 760 27.95 3.33 6.43
N VAL A 761 28.05 2.01 6.65
CA VAL A 761 28.22 1.08 5.55
C VAL A 761 26.95 0.90 4.73
N HIS A 762 25.78 1.14 5.32
CA HIS A 762 24.50 0.89 4.67
C HIS A 762 23.62 2.13 4.69
N PHE A 763 24.19 3.27 4.31
CA PHE A 763 23.43 4.51 4.21
C PHE A 763 22.58 4.48 2.93
N ARG A 764 21.32 4.87 3.07
CA ARG A 764 20.34 4.64 2.01
C ARG A 764 19.79 5.92 1.40
N GLU A 765 19.29 6.85 2.21
CA GLU A 765 18.56 8.01 1.72
C GLU A 765 19.22 9.30 2.20
N PHE A 766 19.30 10.29 1.31
CA PHE A 766 19.80 11.61 1.65
C PHE A 766 18.98 12.65 0.91
N VAL A 767 18.21 13.44 1.65
CA VAL A 767 17.38 14.50 1.10
C VAL A 767 17.66 15.78 1.86
N SER A 768 17.95 16.86 1.13
CA SER A 768 18.27 18.13 1.75
C SER A 768 17.78 19.27 0.87
N SER A 769 17.24 20.31 1.51
CA SER A 769 16.83 21.52 0.82
C SER A 769 17.72 22.72 1.16
N MET A 770 18.65 22.57 2.09
CA MET A 770 19.57 23.63 2.43
C MET A 770 20.55 23.86 1.28
N PRO A 771 21.17 25.04 1.22
CA PRO A 771 22.25 25.25 0.25
C PRO A 771 23.37 24.24 0.45
N SER A 772 23.92 23.76 -0.65
CA SER A 772 24.84 22.64 -0.60
C SER A 772 25.88 22.78 -1.72
N GLN A 773 26.92 21.96 -1.62
CA GLN A 773 27.97 21.89 -2.61
C GLN A 773 28.30 20.43 -2.90
N LEU A 774 28.62 20.15 -4.16
CA LEU A 774 29.00 18.79 -4.55
C LEU A 774 30.46 18.47 -4.27
N SER A 775 31.23 19.44 -3.77
CA SER A 775 32.56 19.11 -3.26
C SER A 775 32.47 18.31 -1.96
N ALA A 776 31.45 18.59 -1.15
CA ALA A 776 31.27 17.84 0.10
C ALA A 776 30.93 16.38 -0.17
N LEU A 777 30.04 16.13 -1.14
CA LEU A 777 29.70 14.75 -1.48
C LEU A 777 30.91 14.00 -2.03
N ARG A 778 31.77 14.70 -2.77
CA ARG A 778 33.00 14.08 -3.24
C ARG A 778 33.91 13.71 -2.07
N GLY A 779 33.83 14.46 -0.97
CA GLY A 779 34.64 14.14 0.20
C GLY A 779 34.22 12.84 0.86
N TRP A 780 32.91 12.60 0.96
CA TRP A 780 32.43 11.36 1.58
C TRP A 780 32.86 10.14 0.79
N ILE A 781 32.90 10.26 -0.54
CA ILE A 781 33.25 9.12 -1.38
C ILE A 781 34.66 8.63 -1.05
N LYS A 782 35.63 9.54 -1.04
CA LYS A 782 37.00 9.16 -0.70
C LYS A 782 37.31 9.37 0.77
N ARG A 783 36.41 8.92 1.65
CA ARG A 783 36.74 8.75 3.06
C ARG A 783 36.23 7.40 3.55
N ASP A 784 35.09 6.97 3.03
CA ASP A 784 34.43 5.78 3.54
C ASP A 784 35.20 4.54 3.14
N PRO A 785 35.57 3.66 4.07
CA PRO A 785 36.22 2.40 3.68
C PRO A 785 35.37 1.56 2.74
N SER A 786 34.05 1.57 2.93
CA SER A 786 33.12 0.93 2.03
C SER A 786 32.42 2.01 1.23
N HIS A 787 32.76 2.12 -0.05
CA HIS A 787 32.21 3.16 -0.91
C HIS A 787 30.69 3.07 -0.92
N LEU A 788 30.05 4.21 -1.17
CA LEU A 788 28.59 4.28 -1.11
C LEU A 788 27.97 3.30 -2.09
N SER A 789 27.34 2.26 -1.55
CA SER A 789 26.74 1.20 -2.37
C SER A 789 25.29 0.93 -1.98
N ASN A 790 24.68 1.81 -1.19
CA ASN A 790 23.28 1.67 -0.82
C ASN A 790 22.51 2.99 -0.91
N LEU A 791 23.17 4.07 -1.31
CA LEU A 791 22.52 5.37 -1.45
C LEU A 791 21.64 5.33 -2.70
N SER A 792 20.36 5.00 -2.52
CA SER A 792 19.45 4.83 -3.64
C SER A 792 18.75 6.12 -4.04
N GLU A 793 18.89 7.19 -3.28
CA GLU A 793 18.24 8.46 -3.60
C GLU A 793 19.18 9.61 -3.28
N LEU A 794 18.98 10.72 -3.98
CA LEU A 794 19.76 11.93 -3.73
C LEU A 794 18.94 13.12 -4.20
N ILE A 795 18.36 13.87 -3.26
CA ILE A 795 17.52 15.03 -3.54
C ILE A 795 18.25 16.27 -3.05
N LEU A 796 18.49 17.22 -3.96
CA LEU A 796 19.14 18.48 -3.64
C LEU A 796 18.46 19.57 -4.42
N THR A 797 17.99 20.62 -3.72
CA THR A 797 17.24 21.69 -4.37
C THR A 797 17.91 23.06 -4.23
N SER A 798 19.16 23.13 -3.76
CA SER A 798 19.84 24.41 -3.66
C SER A 798 21.31 24.31 -4.05
N VAL A 799 21.65 23.38 -4.93
CA VAL A 799 23.03 23.22 -5.38
C VAL A 799 23.47 24.47 -6.12
N LYS A 800 24.73 24.88 -5.92
CA LYS A 800 25.25 26.04 -6.61
C LYS A 800 26.01 25.68 -7.89
N GLU A 801 26.94 24.72 -7.80
CA GLU A 801 27.81 24.38 -8.92
C GLU A 801 27.64 22.92 -9.30
N VAL A 802 27.50 22.68 -10.60
CA VAL A 802 27.47 21.32 -11.16
C VAL A 802 28.50 21.32 -12.28
N GLN A 803 29.65 20.71 -12.05
CA GLN A 803 30.74 20.70 -13.01
C GLN A 803 30.77 19.37 -13.77
N GLN A 804 31.66 19.30 -14.77
CA GLN A 804 31.80 18.09 -15.56
C GLN A 804 32.28 16.92 -14.71
N ASP A 805 33.24 17.16 -13.82
CA ASP A 805 33.73 16.11 -12.93
C ASP A 805 32.68 15.65 -11.93
N ASP A 806 31.67 16.47 -11.67
CA ASP A 806 30.64 16.10 -10.70
C ASP A 806 29.69 15.04 -11.26
N VAL A 807 29.37 15.13 -12.55
CA VAL A 807 28.37 14.22 -13.13
C VAL A 807 28.92 12.80 -13.20
N VAL A 808 30.19 12.66 -13.55
CA VAL A 808 30.78 11.31 -13.67
C VAL A 808 30.78 10.60 -12.33
N ILE A 809 31.13 11.31 -11.26
CA ILE A 809 31.20 10.69 -9.94
C ILE A 809 29.82 10.22 -9.50
N ILE A 810 28.79 11.05 -9.70
CA ILE A 810 27.43 10.64 -9.36
C ILE A 810 27.00 9.46 -10.23
N GLY A 811 27.44 9.43 -11.49
CA GLY A 811 27.07 8.36 -12.39
C GLY A 811 27.79 7.04 -12.14
N ALA A 812 28.78 7.02 -11.26
CA ALA A 812 29.48 5.79 -10.94
C ALA A 812 28.85 5.02 -9.78
N LEU A 813 27.89 5.61 -9.07
CA LEU A 813 27.22 4.90 -7.99
C LEU A 813 26.41 3.74 -8.54
N SER A 814 26.45 2.62 -7.83
CA SER A 814 25.90 1.36 -8.33
C SER A 814 24.50 1.05 -7.84
N SER A 815 23.89 1.93 -7.04
CA SER A 815 22.54 1.65 -6.56
C SER A 815 21.63 2.88 -6.55
N LEU A 816 22.00 3.95 -7.25
CA LEU A 816 21.16 5.13 -7.26
C LEU A 816 19.92 4.89 -8.11
N ARG A 817 18.77 5.39 -7.66
CA ARG A 817 17.51 5.16 -8.33
C ARG A 817 16.66 6.43 -8.52
N ARG A 818 17.02 7.55 -7.90
CA ARG A 818 16.22 8.76 -8.04
C ARG A 818 17.11 9.96 -7.74
N LEU A 819 17.33 10.80 -8.75
CA LEU A 819 18.18 11.98 -8.63
C LEU A 819 17.37 13.22 -9.00
N CYS A 820 17.59 14.30 -8.26
CA CYS A 820 16.91 15.56 -8.52
C CYS A 820 17.79 16.69 -8.01
N ILE A 821 18.49 17.37 -8.92
CA ILE A 821 19.40 18.45 -8.58
C ILE A 821 18.98 19.70 -9.34
N LYS A 822 18.85 20.81 -8.62
CA LYS A 822 18.66 22.12 -9.21
C LYS A 822 19.99 22.87 -9.22
N SER A 823 19.98 24.10 -9.71
CA SER A 823 21.21 24.88 -9.79
C SER A 823 20.91 26.36 -9.65
N THR A 824 21.85 27.08 -9.05
CA THR A 824 21.78 28.53 -8.93
C THR A 824 23.22 29.05 -8.95
N TYR A 825 23.38 30.27 -9.46
CA TYR A 825 24.71 30.88 -9.63
C TYR A 825 25.59 30.01 -10.53
N GLN A 826 24.98 29.43 -11.56
CA GLN A 826 25.70 28.55 -12.47
C GLN A 826 26.74 29.33 -13.27
N THR A 827 27.89 28.69 -13.52
CA THR A 827 28.98 29.35 -14.22
C THR A 827 29.63 28.49 -15.30
N GLN A 828 29.04 27.35 -15.66
CA GLN A 828 29.60 26.49 -16.70
C GLN A 828 28.74 26.60 -17.96
N ARG A 829 29.31 26.16 -19.08
CA ARG A 829 28.67 26.34 -20.39
C ARG A 829 27.96 25.10 -20.92
N LEU A 830 28.41 23.90 -20.56
CA LEU A 830 27.77 22.71 -21.10
C LEU A 830 27.98 21.52 -20.17
N LEU A 831 27.04 20.57 -20.24
CA LEU A 831 27.12 19.31 -19.52
C LEU A 831 26.73 18.16 -20.44
N VAL A 832 27.36 17.01 -20.22
CA VAL A 832 27.07 15.81 -21.00
C VAL A 832 26.90 14.63 -20.05
N ILE A 833 25.98 13.74 -20.39
CA ILE A 833 25.71 12.53 -19.60
C ILE A 833 26.37 11.36 -20.32
N PRO A 834 27.37 10.71 -19.72
CA PRO A 834 28.12 9.69 -20.45
C PRO A 834 27.29 8.45 -20.74
N ALA A 835 27.68 7.74 -21.81
CA ALA A 835 27.02 6.50 -22.16
C ALA A 835 27.32 5.41 -21.13
N ASP A 836 28.59 5.24 -20.79
CA ASP A 836 28.99 4.34 -19.71
C ASP A 836 28.95 5.12 -18.41
N GLY A 837 27.94 4.85 -17.60
CA GLY A 837 27.63 5.71 -16.47
C GLY A 837 26.32 5.34 -15.81
N PHE A 838 25.42 6.31 -15.66
CA PHE A 838 24.11 6.11 -15.06
C PHE A 838 23.48 4.82 -15.57
N ARG A 839 23.20 3.90 -14.65
CA ARG A 839 22.83 2.55 -15.05
C ARG A 839 21.49 2.09 -14.51
N CYS A 840 21.19 2.38 -13.25
CA CYS A 840 19.95 1.94 -12.62
C CYS A 840 19.05 3.13 -12.27
N ILE A 841 19.03 4.12 -13.14
CA ILE A 841 18.29 5.36 -12.89
C ILE A 841 16.89 5.23 -13.47
N VAL A 842 15.88 5.58 -12.68
CA VAL A 842 14.51 5.63 -13.17
C VAL A 842 14.02 7.07 -13.31
N GLY A 843 14.52 7.99 -12.49
CA GLY A 843 14.14 9.39 -12.60
C GLY A 843 15.35 10.29 -12.68
N PHE A 844 15.27 11.30 -13.55
CA PHE A 844 16.36 12.23 -13.79
C PHE A 844 15.78 13.64 -13.78
N HIS A 845 16.33 14.50 -12.92
CA HIS A 845 15.75 15.82 -12.70
C HIS A 845 16.84 16.91 -12.67
N LEU A 846 17.73 16.89 -13.63
CA LEU A 846 18.77 17.92 -13.76
C LEU A 846 18.18 19.11 -14.51
N ASP A 847 18.09 20.26 -13.84
CA ASP A 847 17.41 21.45 -14.35
C ASP A 847 18.25 22.69 -14.14
N CYS A 848 19.52 22.65 -14.57
CA CYS A 848 20.39 23.81 -14.49
C CYS A 848 19.79 24.99 -15.25
N GLY A 849 20.33 26.18 -14.97
CA GLY A 849 19.71 27.41 -15.40
C GLY A 849 19.94 27.81 -16.85
N SER A 850 20.12 29.11 -17.08
CA SER A 850 20.17 29.64 -18.43
C SER A 850 21.33 29.07 -19.23
N ALA A 851 22.49 28.95 -18.61
CA ALA A 851 23.66 28.37 -19.27
C ALA A 851 23.54 26.85 -19.26
N THR A 852 24.64 26.16 -19.54
CA THR A 852 24.72 24.70 -19.51
C THR A 852 23.73 24.06 -20.50
N GLN A 853 24.00 24.31 -21.78
CA GLN A 853 23.38 23.51 -22.83
C GLN A 853 23.63 22.04 -22.57
N ILE A 854 22.57 21.24 -22.64
CA ILE A 854 22.62 19.83 -22.28
C ILE A 854 22.58 19.00 -23.56
N LEU A 855 23.55 18.11 -23.71
CA LEU A 855 23.67 17.25 -24.90
C LEU A 855 23.85 15.83 -24.41
N PHE A 856 22.85 14.98 -24.63
CA PHE A 856 22.91 13.60 -24.19
C PHE A 856 23.79 12.78 -25.12
N GLU A 857 24.65 11.96 -24.53
CA GLU A 857 25.46 11.04 -25.31
C GLU A 857 24.55 9.98 -25.95
N PRO A 858 24.82 9.60 -27.20
CA PRO A 858 23.94 8.62 -27.86
C PRO A 858 23.88 7.30 -27.10
N GLY A 859 22.69 6.72 -27.03
CA GLY A 859 22.48 5.44 -26.37
C GLY A 859 22.87 5.41 -24.92
N ALA A 860 22.17 6.17 -24.08
CA ALA A 860 22.46 6.25 -22.66
C ALA A 860 21.15 6.18 -21.88
N LEU A 861 21.28 6.14 -20.55
CA LEU A 861 20.15 6.03 -19.63
C LEU A 861 19.30 4.81 -20.01
N PRO A 862 19.82 3.60 -19.85
CA PRO A 862 19.09 2.43 -20.35
C PRO A 862 17.72 2.22 -19.72
N ARG A 863 17.54 2.58 -18.45
CA ARG A 863 16.31 2.28 -17.74
C ARG A 863 15.61 3.53 -17.22
N ALA A 864 15.90 4.69 -17.81
CA ALA A 864 15.21 5.92 -17.42
C ALA A 864 13.75 5.87 -17.84
N GLU A 865 12.86 6.31 -16.93
CA GLU A 865 11.44 6.32 -17.20
C GLU A 865 10.82 7.72 -17.22
N SER A 866 11.57 8.75 -16.82
CA SER A 866 11.08 10.13 -16.85
C SER A 866 12.27 11.06 -16.70
N VAL A 867 12.31 12.10 -17.53
CA VAL A 867 13.43 13.04 -17.53
C VAL A 867 12.89 14.46 -17.66
N VAL A 868 13.62 15.42 -17.08
CA VAL A 868 13.41 16.84 -17.30
C VAL A 868 14.75 17.48 -17.62
N ILE A 869 14.76 18.32 -18.66
CA ILE A 869 16.00 18.90 -19.18
C ILE A 869 15.70 20.32 -19.65
N SER A 870 16.65 21.23 -19.44
CA SER A 870 16.51 22.61 -19.85
C SER A 870 17.53 22.97 -20.91
N LEU A 871 17.19 23.96 -21.74
CA LEU A 871 18.11 24.49 -22.74
C LEU A 871 17.95 26.02 -22.80
N GLY A 872 18.93 26.67 -23.42
CA GLY A 872 18.94 28.12 -23.48
C GLY A 872 19.23 28.71 -24.84
N VAL A 873 19.88 29.88 -24.87
CA VAL A 873 20.16 30.55 -26.13
C VAL A 873 21.40 30.02 -26.83
N ARG A 874 22.30 29.37 -26.09
CA ARG A 874 23.54 28.83 -26.64
C ARG A 874 24.41 29.91 -27.25
N VAL A 875 24.32 30.06 -28.58
CA VAL A 875 25.14 30.90 -29.45
C VAL A 875 26.63 30.66 -29.24
N ALA A 876 27.44 31.06 -30.23
CA ALA A 876 28.89 30.89 -30.21
C ALA A 876 29.30 29.43 -30.10
N LYS A 877 28.33 28.51 -30.23
CA LYS A 877 28.62 27.08 -30.22
C LYS A 877 28.81 26.53 -31.62
N GLU A 878 28.02 27.01 -32.57
CA GLU A 878 28.17 26.67 -33.99
C GLU A 878 28.32 27.95 -34.79
N ASP A 879 29.13 27.88 -35.85
CA ASP A 879 29.42 29.07 -36.65
C ASP A 879 28.15 29.64 -37.30
N GLY A 880 27.32 28.76 -37.87
CA GLY A 880 26.12 29.21 -38.53
C GLY A 880 24.89 29.13 -37.64
N ASN A 881 23.87 29.90 -38.00
CA ASN A 881 22.60 29.88 -37.28
C ASN A 881 21.95 28.50 -37.42
N ARG A 882 21.87 27.76 -36.32
CA ARG A 882 21.36 26.40 -36.32
C ARG A 882 20.15 26.28 -35.41
N GLY A 883 19.22 25.42 -35.81
CA GLY A 883 18.12 25.07 -34.92
C GLY A 883 18.65 24.37 -33.68
N PHE A 884 18.03 24.68 -32.54
CA PHE A 884 18.49 24.15 -31.26
C PHE A 884 18.28 22.64 -31.23
N ASP A 885 19.38 21.89 -31.23
CA ASP A 885 19.35 20.43 -31.31
C ASP A 885 19.95 19.85 -30.03
N LEU A 886 19.18 19.00 -29.36
CA LEU A 886 19.68 18.19 -28.26
C LEU A 886 20.00 16.79 -28.78
N GLY A 887 20.37 15.90 -27.87
CA GLY A 887 20.49 14.51 -28.26
C GLY A 887 19.26 13.72 -27.85
N LEU A 888 18.33 13.55 -28.80
CA LEU A 888 17.11 12.79 -28.54
C LEU A 888 16.67 11.95 -29.73
N GLN A 889 17.41 11.92 -30.82
CA GLN A 889 17.04 11.15 -32.00
C GLN A 889 17.56 9.74 -31.85
N GLY A 890 16.66 8.78 -31.72
CA GLY A 890 17.06 7.40 -31.48
C GLY A 890 17.73 7.19 -30.13
N ASN A 891 17.21 7.84 -29.09
CA ASN A 891 17.78 7.74 -27.76
C ASN A 891 16.66 7.56 -26.75
N LEU A 892 17.04 7.15 -25.53
CA LEU A 892 16.09 6.90 -24.44
C LEU A 892 15.04 5.86 -24.86
N LEU A 893 15.54 4.64 -25.10
CA LEU A 893 14.73 3.55 -25.61
C LEU A 893 13.85 2.89 -24.56
N SER A 894 13.65 3.52 -23.40
CA SER A 894 12.83 2.91 -22.36
C SER A 894 11.86 3.90 -21.71
N LEU A 895 11.63 5.07 -22.29
CA LEU A 895 10.70 6.02 -21.71
C LEU A 895 9.28 5.47 -21.73
N ARG A 896 8.58 5.61 -20.62
CA ARG A 896 7.19 5.19 -20.51
C ARG A 896 6.25 6.34 -20.18
N ARG A 897 6.58 7.15 -19.19
CA ARG A 897 5.74 8.26 -18.78
C ARG A 897 6.18 9.53 -19.49
N ASP A 898 5.68 10.68 -19.03
CA ASP A 898 5.86 11.94 -19.73
C ASP A 898 7.32 12.38 -19.76
N VAL A 899 7.66 13.12 -20.80
CA VAL A 899 8.97 13.76 -20.94
C VAL A 899 8.76 15.27 -20.95
N PHE A 900 9.59 15.98 -20.19
CA PHE A 900 9.43 17.42 -20.00
C PHE A 900 10.73 18.11 -20.38
N VAL A 901 10.63 19.13 -21.23
CA VAL A 901 11.76 19.97 -21.58
C VAL A 901 11.34 21.42 -21.40
N SER A 902 12.11 22.16 -20.59
CA SER A 902 11.85 23.58 -20.39
C SER A 902 12.41 24.36 -21.57
N ILE A 903 12.37 25.68 -21.49
CA ILE A 903 12.99 26.54 -22.49
C ILE A 903 13.34 27.88 -21.85
N TYR A 904 14.59 28.32 -22.05
CA TYR A 904 15.07 29.59 -21.51
C TYR A 904 15.49 30.48 -22.67
N CYS A 905 14.98 31.71 -22.69
CA CYS A 905 15.34 32.67 -23.72
C CYS A 905 16.67 33.34 -23.41
N GLY A 906 16.78 33.94 -22.23
CA GLY A 906 17.98 34.66 -21.87
C GLY A 906 18.24 35.87 -22.75
N GLY A 907 17.20 36.64 -23.05
CA GLY A 907 17.34 37.75 -23.96
C GLY A 907 17.54 37.30 -25.40
N ALA A 908 16.55 36.59 -25.94
CA ALA A 908 16.66 36.07 -27.30
C ALA A 908 15.43 36.47 -28.13
N ARG A 909 15.33 35.93 -29.34
CA ARG A 909 14.26 36.24 -30.25
C ARG A 909 13.12 35.23 -30.10
N VAL A 910 11.89 35.72 -30.30
CA VAL A 910 10.72 34.83 -30.20
C VAL A 910 10.78 33.76 -31.27
N GLY A 911 11.17 34.13 -32.49
CA GLY A 911 11.25 33.15 -33.56
C GLY A 911 12.21 32.01 -33.25
N GLU A 912 13.33 32.34 -32.60
CA GLU A 912 14.25 31.29 -32.16
C GLU A 912 13.59 30.38 -31.12
N ALA A 913 12.86 30.97 -30.17
CA ALA A 913 12.21 30.18 -29.13
C ALA A 913 11.17 29.24 -29.72
N LYS A 914 10.35 29.74 -30.65
CA LYS A 914 9.36 28.90 -31.31
C LYS A 914 10.01 27.77 -32.08
N GLU A 915 11.15 28.06 -32.73
CA GLU A 915 11.89 27.02 -33.43
C GLU A 915 12.40 25.97 -32.45
N ALA A 916 12.85 26.40 -31.26
CA ALA A 916 13.30 25.46 -30.25
C ALA A 916 12.16 24.55 -29.80
N GLU A 917 10.95 25.10 -29.68
CA GLU A 917 9.80 24.29 -29.31
C GLU A 917 9.54 23.20 -30.34
N ALA A 918 9.62 23.53 -31.63
CA ALA A 918 9.35 22.55 -32.66
C ALA A 918 10.49 21.57 -32.83
N ALA A 919 11.73 22.03 -32.64
CA ALA A 919 12.88 21.16 -32.86
C ALA A 919 12.90 20.00 -31.87
N VAL A 920 12.61 20.27 -30.59
CA VAL A 920 12.61 19.21 -29.59
C VAL A 920 11.51 18.20 -29.88
N ARG A 921 10.32 18.68 -30.24
CA ARG A 921 9.20 17.77 -30.51
C ARG A 921 9.44 16.91 -31.74
N ARG A 922 10.29 17.35 -32.66
CA ARG A 922 10.55 16.55 -33.86
C ARG A 922 11.35 15.30 -33.52
N ALA A 923 12.34 15.43 -32.64
CA ALA A 923 13.19 14.29 -32.31
C ALA A 923 12.40 13.17 -31.64
N LEU A 924 11.53 13.51 -30.70
CA LEU A 924 10.73 12.52 -29.98
C LEU A 924 9.39 12.27 -30.65
N ASP A 925 9.43 11.98 -31.95
CA ASP A 925 8.25 11.61 -32.70
C ASP A 925 8.37 10.25 -33.39
N ALA A 926 9.58 9.80 -33.69
CA ALA A 926 9.82 8.45 -34.18
C ALA A 926 10.14 7.47 -33.07
N HIS A 927 10.02 7.90 -31.82
CA HIS A 927 10.28 7.03 -30.69
C HIS A 927 9.28 5.88 -30.68
N PRO A 928 9.73 4.62 -30.68
CA PRO A 928 8.77 3.51 -30.77
C PRO A 928 8.13 3.17 -29.42
N SER A 929 7.76 4.20 -28.67
CA SER A 929 6.92 4.03 -27.49
C SER A 929 5.85 5.09 -27.35
N HIS A 930 5.93 6.20 -28.09
CA HIS A 930 4.97 7.29 -28.08
C HIS A 930 4.65 7.79 -26.68
N PRO A 931 5.61 8.37 -25.97
CA PRO A 931 5.32 8.94 -24.66
C PRO A 931 4.83 10.38 -24.80
N PRO A 932 4.00 10.85 -23.88
CA PRO A 932 3.53 12.24 -23.96
C PRO A 932 4.67 13.22 -23.77
N ILE A 933 4.56 14.36 -24.46
CA ILE A 933 5.57 15.41 -24.42
C ILE A 933 4.90 16.70 -23.99
N TYR A 934 5.55 17.42 -23.08
CA TYR A 934 5.05 18.70 -22.59
C TYR A 934 6.16 19.74 -22.67
N PHE A 935 5.75 21.01 -22.74
CA PHE A 935 6.67 22.13 -22.76
C PHE A 935 6.10 23.28 -21.94
N GLU A 936 6.99 24.12 -21.44
CA GLU A 936 6.57 25.27 -20.64
C GLU A 936 7.64 26.35 -20.76
N MET A 937 7.21 27.56 -21.10
CA MET A 937 8.13 28.69 -21.28
C MET A 937 8.08 29.53 -20.01
N ARG A 938 9.12 29.43 -19.19
CA ARG A 938 9.13 30.13 -17.90
C ARG A 938 9.08 31.66 -18.03
N PRO A 939 9.82 32.31 -18.94
CA PRO A 939 9.67 33.76 -19.08
C PRO A 939 8.32 34.20 -19.63
N HIS A 940 7.42 33.27 -19.94
CA HIS A 940 6.06 33.58 -20.41
C HIS A 940 6.10 34.42 -21.68
N ILE A 941 6.66 33.83 -22.73
CA ILE A 941 6.71 34.48 -24.03
C ILE A 941 5.30 34.69 -24.59
N ALA A 942 4.35 33.88 -24.15
CA ALA A 942 2.97 33.97 -24.64
C ALA A 942 2.41 35.37 -24.43
N LYS A 943 2.23 36.09 -25.53
CA LYS A 943 1.82 37.48 -25.55
C LYS A 943 1.04 37.71 -26.84
N GLY A 944 0.91 38.97 -27.26
CA GLY A 944 0.35 39.30 -28.55
C GLY A 944 1.01 38.59 -29.72
N ALA A 945 2.11 37.90 -29.45
CA ALA A 945 2.78 37.01 -30.41
C ALA A 945 3.28 37.79 -31.64
N HIS A 946 4.18 38.73 -31.39
CA HIS A 946 4.87 39.46 -32.44
C HIS A 946 6.25 38.83 -32.63
N ASP A 947 6.51 38.30 -33.83
CA ASP A 947 7.75 37.59 -34.08
C ASP A 947 8.96 38.51 -33.94
N ASP A 948 8.87 39.72 -34.46
CA ASP A 948 9.96 40.69 -34.36
C ASP A 948 9.86 41.46 -33.04
N ASP A 949 9.96 40.71 -31.95
CA ASP A 949 9.82 41.28 -30.61
C ASP A 949 11.06 42.03 -30.15
N LEU A 950 12.19 41.85 -30.82
CA LEU A 950 13.44 42.54 -30.48
C LEU A 950 13.83 42.27 -29.02
N CYS A 951 14.11 41.00 -28.74
CA CYS A 951 14.41 40.49 -27.40
C CYS A 951 13.18 40.55 -26.51
N GLU A 952 13.07 39.63 -25.55
CA GLU A 952 11.87 39.51 -24.74
C GLU A 952 12.01 40.16 -23.38
N GLU A 953 12.94 39.66 -22.56
CA GLU A 953 13.14 40.12 -21.20
C GLU A 953 14.57 39.79 -20.78
N ARG A 954 14.85 39.91 -19.49
CA ARG A 954 16.09 39.46 -18.89
C ARG A 954 15.84 38.13 -18.18
N ARG A 955 16.85 37.66 -17.43
CA ARG A 955 16.74 36.38 -16.75
C ARG A 955 15.65 36.37 -15.68
N ARG A 956 15.24 37.53 -15.18
CA ARG A 956 14.21 37.61 -14.17
C ARG A 956 12.84 37.26 -14.74
N GLY B 25 -21.22 25.92 2.95
CA GLY B 25 -20.13 26.27 2.05
C GLY B 25 -18.96 25.30 2.14
N TYR B 26 -19.10 24.13 1.53
CA TYR B 26 -18.08 23.10 1.58
C TYR B 26 -18.18 22.24 0.34
N ILE B 27 -17.16 21.40 0.15
CA ILE B 27 -17.15 20.39 -0.90
C ILE B 27 -16.90 19.04 -0.25
N THR B 28 -17.82 18.11 -0.46
CA THR B 28 -17.76 16.79 0.15
C THR B 28 -17.19 15.78 -0.84
N LEU B 29 -16.44 14.81 -0.31
CA LEU B 29 -15.80 13.80 -1.13
C LEU B 29 -15.72 12.52 -0.31
N GLY B 30 -14.88 11.58 -0.75
CA GLY B 30 -14.77 10.26 -0.17
C GLY B 30 -14.85 10.18 1.35
N MET B 31 -13.96 10.86 2.06
CA MET B 31 -13.98 10.81 3.51
C MET B 31 -13.75 12.15 4.19
N GLY B 32 -13.54 13.25 3.45
CA GLY B 32 -13.19 14.52 4.04
C GLY B 32 -14.06 15.64 3.52
N SER B 33 -13.87 16.81 4.13
CA SER B 33 -14.58 18.03 3.76
C SER B 33 -13.59 19.19 3.74
N ILE B 34 -13.59 19.95 2.66
CA ILE B 34 -12.67 21.08 2.48
C ILE B 34 -13.49 22.34 2.29
N HIS B 35 -13.19 23.37 3.07
CA HIS B 35 -13.91 24.64 2.98
C HIS B 35 -13.64 25.31 1.64
N LYS B 36 -14.68 25.94 1.10
CA LYS B 36 -14.64 26.40 -0.29
C LYS B 36 -13.64 27.52 -0.51
N ASN B 37 -13.50 28.41 0.47
CA ASN B 37 -12.69 29.62 0.29
C ASN B 37 -11.18 29.36 0.39
N ASP B 38 -10.75 28.11 0.29
CA ASP B 38 -9.33 27.77 0.30
C ASP B 38 -8.87 27.10 -0.98
N ILE B 39 -9.75 26.36 -1.67
CA ILE B 39 -9.36 25.71 -2.92
C ILE B 39 -9.00 26.76 -3.96
N TYR B 40 -9.60 27.95 -3.87
CA TYR B 40 -9.36 28.98 -4.88
C TYR B 40 -7.90 29.41 -4.92
N ARG B 41 -7.31 29.64 -3.75
CA ARG B 41 -5.93 30.12 -3.72
C ARG B 41 -4.96 29.04 -4.18
N VAL B 42 -5.30 27.77 -4.00
CA VAL B 42 -4.44 26.71 -4.50
C VAL B 42 -4.48 26.66 -6.02
N ALA B 43 -5.66 26.89 -6.62
CA ALA B 43 -5.78 26.88 -8.07
C ALA B 43 -5.08 28.07 -8.72
N GLU B 44 -4.82 29.13 -7.97
CA GLU B 44 -4.21 30.34 -8.53
C GLU B 44 -2.70 30.36 -8.35
N HIS B 45 -2.22 30.00 -7.16
CA HIS B 45 -0.79 30.01 -6.89
C HIS B 45 -0.02 29.02 -7.77
N MET B 46 -0.69 27.99 -8.28
CA MET B 46 -0.03 26.99 -9.09
C MET B 46 0.31 27.48 -10.50
N TRP B 47 -0.22 28.63 -10.91
CA TRP B 47 0.11 29.22 -12.19
C TRP B 47 1.16 30.31 -12.08
N THR B 48 1.71 30.55 -10.89
CA THR B 48 2.78 31.52 -10.70
C THR B 48 4.13 30.88 -10.40
N ILE B 49 4.15 29.68 -9.85
CA ILE B 49 5.39 28.95 -9.60
C ILE B 49 5.82 28.26 -10.88
N ASP B 50 7.07 27.79 -10.91
CA ASP B 50 7.59 27.09 -12.07
C ASP B 50 6.96 25.70 -12.18
N ALA B 51 7.17 25.05 -13.32
CA ALA B 51 6.64 23.73 -13.58
C ALA B 51 7.67 22.67 -13.22
N TYR B 52 7.23 21.62 -12.53
CA TYR B 52 8.10 20.56 -12.02
C TYR B 52 9.20 21.14 -11.14
N SER B 53 8.79 21.75 -10.04
CA SER B 53 9.72 22.44 -9.16
C SER B 53 9.69 21.90 -7.74
N VAL B 54 8.63 21.21 -7.37
CA VAL B 54 8.45 20.73 -6.00
C VAL B 54 8.44 19.20 -6.03
N PRO B 55 9.50 18.53 -5.57
CA PRO B 55 9.51 17.07 -5.57
C PRO B 55 8.63 16.49 -4.47
N SER B 56 8.35 15.19 -4.60
CA SER B 56 7.48 14.49 -3.68
C SER B 56 8.06 13.12 -3.36
N ASN B 57 7.63 12.56 -2.22
CA ASN B 57 8.10 11.25 -1.80
C ASN B 57 7.69 10.17 -2.79
N ASN B 58 6.44 10.19 -3.21
CA ASN B 58 5.90 9.26 -4.18
C ASN B 58 5.45 10.03 -5.42
N HIS B 59 4.86 9.31 -6.38
CA HIS B 59 4.32 9.90 -7.59
C HIS B 59 5.42 10.63 -8.37
N GLY B 60 5.55 11.94 -8.18
CA GLY B 60 6.58 12.67 -8.88
C GLY B 60 6.56 14.14 -8.55
N SER B 61 7.22 14.92 -9.41
CA SER B 61 7.31 16.36 -9.22
C SER B 61 6.03 17.04 -9.70
N TYR B 62 5.61 18.07 -8.98
CA TYR B 62 4.39 18.81 -9.26
C TYR B 62 4.70 20.29 -9.32
N PRO B 63 3.86 21.09 -10.01
CA PRO B 63 2.61 20.75 -10.70
C PRO B 63 2.82 20.08 -12.06
N ILE B 64 1.85 19.28 -12.50
CA ILE B 64 1.93 18.53 -13.75
C ILE B 64 0.83 19.02 -14.69
N PHE B 65 1.16 19.14 -15.97
CA PHE B 65 0.16 19.50 -16.96
C PHE B 65 -0.80 18.35 -17.19
N GLY B 66 -2.07 18.68 -17.46
CA GLY B 66 -3.10 17.70 -17.70
C GLY B 66 -3.72 17.83 -19.07
N GLU B 67 -4.86 17.17 -19.24
CA GLU B 67 -5.56 17.18 -20.51
C GLU B 67 -6.26 18.52 -20.74
N GLU B 68 -6.53 18.81 -22.00
CA GLU B 68 -7.02 20.13 -22.42
C GLU B 68 -8.54 20.15 -22.47
N ILE B 69 -9.13 21.20 -21.89
CA ILE B 69 -10.57 21.42 -21.90
C ILE B 69 -10.83 22.81 -22.46
N ASN B 70 -11.58 22.87 -23.56
CA ASN B 70 -11.95 24.14 -24.19
C ASN B 70 -10.71 24.99 -24.49
N GLY B 71 -9.66 24.35 -24.98
CA GLY B 71 -8.41 25.03 -25.24
C GLY B 71 -7.55 25.15 -24.00
N SER B 72 -6.42 25.83 -24.16
CA SER B 72 -5.44 26.05 -23.09
C SER B 72 -4.98 24.73 -22.49
N VAL B 73 -4.48 24.77 -21.26
CA VAL B 73 -3.98 23.60 -20.56
C VAL B 73 -4.49 23.63 -19.12
N THR B 74 -4.18 22.57 -18.38
CA THR B 74 -4.58 22.44 -16.98
C THR B 74 -3.38 22.00 -16.15
N ARG B 75 -3.44 22.30 -14.86
CA ARG B 75 -2.38 21.97 -13.92
C ARG B 75 -2.99 21.28 -12.70
N ILE B 76 -2.18 20.44 -12.06
CA ILE B 76 -2.59 19.70 -10.87
C ILE B 76 -1.57 19.94 -9.76
N PHE B 77 -2.06 20.21 -8.55
CA PHE B 77 -1.20 20.46 -7.40
C PHE B 77 -1.85 19.90 -6.14
N PRO B 78 -1.10 19.18 -5.31
CA PRO B 78 -1.68 18.55 -4.14
C PRO B 78 -2.10 19.55 -3.07
N ILE B 79 -3.07 19.13 -2.26
CA ILE B 79 -3.56 19.90 -1.13
C ILE B 79 -3.70 18.94 0.04
N VAL B 80 -3.74 19.50 1.25
CA VAL B 80 -3.75 18.71 2.47
C VAL B 80 -5.15 18.66 3.04
N TYR B 81 -5.33 17.82 4.06
CA TYR B 81 -6.67 17.55 4.60
C TYR B 81 -7.31 18.82 5.16
N ASN B 82 -6.58 19.55 6.00
CA ASN B 82 -7.13 20.78 6.56
C ASN B 82 -7.37 21.83 5.48
N GLY B 83 -6.44 21.94 4.53
CA GLY B 83 -6.59 22.89 3.45
C GLY B 83 -5.40 23.81 3.28
N ASP B 84 -4.37 23.60 4.09
CA ASP B 84 -3.17 24.43 4.01
C ASP B 84 -2.35 24.05 2.78
N ASP B 85 -1.26 24.79 2.57
CA ASP B 85 -0.39 24.53 1.44
C ASP B 85 0.44 23.27 1.69
N TRP B 86 0.90 22.68 0.59
CA TRP B 86 1.67 21.44 0.63
C TRP B 86 3.09 21.71 0.13
N ARG B 87 4.08 21.35 0.96
CA ARG B 87 5.48 21.57 0.63
C ARG B 87 6.18 20.27 0.23
N SER B 88 6.13 19.25 1.09
CA SER B 88 6.72 17.96 0.76
C SER B 88 6.07 16.89 1.64
N GLY B 89 6.24 15.64 1.22
CA GLY B 89 5.70 14.52 1.97
C GLY B 89 4.82 13.60 1.16
N ASP B 90 3.64 13.28 1.70
CA ASP B 90 2.69 12.40 1.04
C ASP B 90 1.31 13.07 1.05
N PHE B 91 0.54 12.80 0.01
CA PHE B 91 -0.76 13.45 -0.17
C PHE B 91 -1.75 12.45 -0.74
N TYR B 92 -3.04 12.76 -0.55
CA TYR B 92 -4.11 11.98 -1.14
C TYR B 92 -5.23 12.86 -1.71
N TYR B 93 -4.95 14.14 -1.94
CA TYR B 93 -5.89 15.07 -2.55
C TYR B 93 -5.18 15.88 -3.63
N SER B 94 -5.95 16.32 -4.62
CA SER B 94 -5.39 17.12 -5.70
C SER B 94 -6.45 18.09 -6.21
N VAL B 95 -5.97 19.17 -6.83
CA VAL B 95 -6.84 20.19 -7.42
C VAL B 95 -6.37 20.45 -8.84
N GLU B 96 -7.30 20.38 -9.79
CA GLU B 96 -7.02 20.64 -11.20
C GLU B 96 -7.85 21.84 -11.66
N SER B 97 -7.22 22.74 -12.39
CA SER B 97 -7.87 23.98 -12.79
C SER B 97 -7.24 24.53 -14.05
N THR B 98 -7.92 25.50 -14.65
CA THR B 98 -7.46 26.23 -15.82
C THR B 98 -7.04 27.64 -15.40
N GLU B 99 -6.54 28.41 -16.35
CA GLU B 99 -6.05 29.75 -16.05
C GLU B 99 -7.14 30.80 -16.23
N ASP B 100 -8.32 30.52 -15.67
CA ASP B 100 -9.36 31.53 -15.51
C ASP B 100 -10.17 31.36 -14.24
N LEU B 101 -9.85 30.39 -13.39
CA LEU B 101 -10.65 30.03 -12.23
C LEU B 101 -12.10 29.78 -12.62
N SER B 102 -12.29 29.05 -13.72
CA SER B 102 -13.61 28.68 -14.22
C SER B 102 -13.88 27.19 -14.13
N TYR B 103 -12.97 26.37 -14.63
CA TYR B 103 -13.09 24.91 -14.58
C TYR B 103 -12.16 24.39 -13.51
N ILE B 104 -12.72 23.93 -12.39
CA ILE B 104 -11.96 23.47 -11.24
C ILE B 104 -12.53 22.13 -10.78
N LYS B 105 -11.63 21.20 -10.42
CA LYS B 105 -12.02 19.87 -9.99
C LYS B 105 -11.23 19.49 -8.74
N LEU B 106 -11.78 18.53 -8.00
CA LEU B 106 -11.14 17.98 -6.81
C LEU B 106 -10.94 16.48 -7.02
N ARG B 107 -9.70 16.01 -6.79
CA ARG B 107 -9.33 14.63 -7.08
C ARG B 107 -8.89 13.94 -5.80
N TYR B 108 -9.29 12.68 -5.65
CA TYR B 108 -9.01 11.89 -4.45
C TYR B 108 -8.50 10.53 -4.86
N ASN B 109 -7.29 10.19 -4.41
CA ASN B 109 -6.72 8.88 -4.74
C ASN B 109 -7.26 7.81 -3.79
N GLY B 110 -6.93 7.94 -2.50
CA GLY B 110 -7.46 7.11 -1.43
C GLY B 110 -7.66 5.64 -1.75
N ALA B 111 -8.82 5.10 -1.39
CA ALA B 111 -9.17 3.74 -1.75
C ALA B 111 -9.44 3.62 -3.24
N ARG B 112 -10.24 4.54 -3.78
CA ARG B 112 -10.56 4.55 -5.20
C ARG B 112 -10.69 5.99 -5.67
N TYR B 113 -10.58 6.17 -6.98
CA TYR B 113 -10.73 7.50 -7.56
C TYR B 113 -12.15 8.01 -7.40
N GLU B 114 -12.28 9.29 -7.08
CA GLU B 114 -13.58 9.92 -6.91
C GLU B 114 -13.45 11.40 -7.26
N THR B 115 -14.21 11.84 -8.25
CA THR B 115 -14.07 13.18 -8.80
C THR B 115 -15.36 13.96 -8.60
N CYS B 116 -15.24 15.21 -8.16
CA CYS B 116 -16.37 16.11 -8.00
C CYS B 116 -16.04 17.45 -8.64
N MET B 117 -17.07 18.12 -9.16
CA MET B 117 -16.89 19.38 -9.84
C MET B 117 -17.02 20.54 -8.86
N VAL B 118 -16.39 21.67 -9.20
CA VAL B 118 -16.34 22.85 -8.35
C VAL B 118 -17.04 23.99 -9.07
N SER B 119 -17.91 24.69 -8.36
CA SER B 119 -18.57 25.86 -8.93
C SER B 119 -17.57 27.00 -9.10
N SER B 120 -17.97 28.00 -9.90
CA SER B 120 -17.08 29.10 -10.22
C SER B 120 -17.42 30.33 -9.40
N PRO B 121 -16.42 31.11 -8.99
CA PRO B 121 -16.70 32.33 -8.23
C PRO B 121 -17.46 33.35 -9.07
N GLU B 122 -18.31 34.12 -8.40
CA GLU B 122 -19.10 35.15 -9.05
C GLU B 122 -19.07 36.45 -8.25
#